data_1KBE
# 
_entry.id   1KBE 
# 
_audit_conform.dict_name       mmcif_pdbx.dic 
_audit_conform.dict_version    5.399 
_audit_conform.dict_location   http://mmcif.pdb.org/dictionaries/ascii/mmcif_pdbx.dic 
# 
loop_
_database_2.database_id 
_database_2.database_code 
_database_2.pdbx_database_accession 
_database_2.pdbx_DOI 
PDB   1KBE         pdb_00001kbe 10.2210/pdb1kbe/pdb 
RCSB  RCSB014775   ?            ?                   
WWPDB D_1000014775 ?            ?                   
# 
loop_
_pdbx_audit_revision_history.ordinal 
_pdbx_audit_revision_history.data_content_type 
_pdbx_audit_revision_history.major_revision 
_pdbx_audit_revision_history.minor_revision 
_pdbx_audit_revision_history.revision_date 
1 'Structure model' 1 0 2002-01-23 
2 'Structure model' 1 1 2008-04-27 
3 'Structure model' 1 2 2011-07-13 
4 'Structure model' 1 3 2022-02-23 
5 'Structure model' 1 4 2024-11-20 
# 
_pdbx_audit_revision_details.ordinal             1 
_pdbx_audit_revision_details.revision_ordinal    1 
_pdbx_audit_revision_details.data_content_type   'Structure model' 
_pdbx_audit_revision_details.provider            repository 
_pdbx_audit_revision_details.type                'Initial release' 
_pdbx_audit_revision_details.description         ? 
_pdbx_audit_revision_details.details             ? 
# 
loop_
_pdbx_audit_revision_group.ordinal 
_pdbx_audit_revision_group.revision_ordinal 
_pdbx_audit_revision_group.data_content_type 
_pdbx_audit_revision_group.group 
1 2 'Structure model' 'Version format compliance' 
2 3 'Structure model' 'Version format compliance' 
3 4 'Structure model' 'Database references'       
4 4 'Structure model' 'Derived calculations'      
5 5 'Structure model' 'Data collection'           
6 5 'Structure model' 'Structure summary'         
# 
loop_
_pdbx_audit_revision_category.ordinal 
_pdbx_audit_revision_category.revision_ordinal 
_pdbx_audit_revision_category.data_content_type 
_pdbx_audit_revision_category.category 
1  4 'Structure model' database_2                
2  4 'Structure model' pdbx_struct_assembly      
3  4 'Structure model' pdbx_struct_conn_angle    
4  4 'Structure model' pdbx_struct_oper_list     
5  4 'Structure model' struct_conn               
6  4 'Structure model' struct_ref_seq_dif        
7  4 'Structure model' struct_site               
8  5 'Structure model' chem_comp_atom            
9  5 'Structure model' chem_comp_bond            
10 5 'Structure model' pdbx_entry_details        
11 5 'Structure model' pdbx_modification_feature 
# 
loop_
_pdbx_audit_revision_item.ordinal 
_pdbx_audit_revision_item.revision_ordinal 
_pdbx_audit_revision_item.data_content_type 
_pdbx_audit_revision_item.item 
1  4 'Structure model' '_database_2.pdbx_DOI'                        
2  4 'Structure model' '_database_2.pdbx_database_accession'         
3  4 'Structure model' '_pdbx_struct_conn_angle.ptnr1_auth_comp_id'  
4  4 'Structure model' '_pdbx_struct_conn_angle.ptnr1_auth_seq_id'   
5  4 'Structure model' '_pdbx_struct_conn_angle.ptnr1_label_atom_id' 
6  4 'Structure model' '_pdbx_struct_conn_angle.ptnr1_label_comp_id' 
7  4 'Structure model' '_pdbx_struct_conn_angle.ptnr1_label_seq_id'  
8  4 'Structure model' '_pdbx_struct_conn_angle.ptnr3_auth_comp_id'  
9  4 'Structure model' '_pdbx_struct_conn_angle.ptnr3_auth_seq_id'   
10 4 'Structure model' '_pdbx_struct_conn_angle.ptnr3_label_atom_id' 
11 4 'Structure model' '_pdbx_struct_conn_angle.ptnr3_label_comp_id' 
12 4 'Structure model' '_pdbx_struct_conn_angle.ptnr3_label_seq_id'  
13 4 'Structure model' '_pdbx_struct_conn_angle.value'               
14 4 'Structure model' '_struct_conn.pdbx_dist_value'                
15 4 'Structure model' '_struct_conn.ptnr2_auth_comp_id'             
16 4 'Structure model' '_struct_conn.ptnr2_auth_seq_id'              
17 4 'Structure model' '_struct_conn.ptnr2_label_atom_id'            
18 4 'Structure model' '_struct_conn.ptnr2_label_comp_id'            
19 4 'Structure model' '_struct_conn.ptnr2_label_seq_id'             
20 4 'Structure model' '_struct_ref_seq_dif.details'                 
21 4 'Structure model' '_struct_site.pdbx_auth_asym_id'              
22 4 'Structure model' '_struct_site.pdbx_auth_comp_id'              
23 4 'Structure model' '_struct_site.pdbx_auth_seq_id'               
# 
_pdbx_database_status.status_code                     REL 
_pdbx_database_status.entry_id                        1KBE 
_pdbx_database_status.recvd_initial_deposition_date   2001-11-06 
_pdbx_database_status.deposit_site                    RCSB 
_pdbx_database_status.process_site                    RCSB 
_pdbx_database_status.SG_entry                        . 
_pdbx_database_status.pdb_format_compatible           Y 
_pdbx_database_status.status_code_mr                  ? 
_pdbx_database_status.status_code_sf                  ? 
_pdbx_database_status.status_code_cs                  ? 
_pdbx_database_status.status_code_nmr_data            ? 
_pdbx_database_status.methods_development_category    ? 
# 
loop_
_audit_author.name 
_audit_author.pdbx_ordinal 
'Zhou, M.'       1 
'Horita, D.A.'   2 
'Waugh, D.S.'    3 
'Byrd, R.A.'     4 
'Morrison, D.K.' 5 
# 
_citation.id                        primary 
_citation.title                     
'Solution structure and functional analysis of the cysteine-rich C1 domain of kinase suppressor of Ras (KSR).' 
_citation.journal_abbrev            J.Mol.Biol. 
_citation.journal_volume            315 
_citation.page_first                435 
_citation.page_last                 446 
_citation.year                      2002 
_citation.journal_id_ASTM           JMOBAK 
_citation.country                   UK 
_citation.journal_id_ISSN           0022-2836 
_citation.journal_id_CSD            0070 
_citation.book_publisher            ? 
_citation.pdbx_database_id_PubMed   11786023 
_citation.pdbx_database_id_DOI      10.1006/jmbi.2001.5263 
# 
loop_
_citation_author.citation_id 
_citation_author.name 
_citation_author.ordinal 
_citation_author.identifier_ORCID 
primary 'Zhou, M.'       1 ? 
primary 'Horita, D.A.'   2 ? 
primary 'Waugh, D.S.'    3 ? 
primary 'Byrd, R.A.'     4 ? 
primary 'Morrison, D.K.' 5 ? 
# 
loop_
_entity.id 
_entity.type 
_entity.src_method 
_entity.pdbx_description 
_entity.formula_weight 
_entity.pdbx_number_of_molecules 
_entity.pdbx_ec 
_entity.pdbx_mutation 
_entity.pdbx_fragment 
_entity.details 
1 polymer     man 'Kinase Suppressor of Ras' 5583.696 1 ? ? 'Cysteine-rich C1 domain (Residues 330-378)' ? 
2 non-polymer syn 'ZINC ION'                 65.409   2 ? ? ?                                            ? 
# 
_entity_poly.entity_id                      1 
_entity_poly.type                           'polypeptide(L)' 
_entity_poly.nstd_linkage                   no 
_entity_poly.nstd_monomer                   no 
_entity_poly.pdbx_seq_one_letter_code       GSVTHRFSTKSWLSQVCNVCQKSMIFGVKCKHCRLKCHNKCTKEAPACR 
_entity_poly.pdbx_seq_one_letter_code_can   GSVTHRFSTKSWLSQVCNVCQKSMIFGVKCKHCRLKCHNKCTKEAPACR 
_entity_poly.pdbx_strand_id                 A 
_entity_poly.pdbx_target_identifier         ? 
# 
_pdbx_entity_nonpoly.entity_id   2 
_pdbx_entity_nonpoly.name        'ZINC ION' 
_pdbx_entity_nonpoly.comp_id     ZN 
# 
loop_
_entity_poly_seq.entity_id 
_entity_poly_seq.num 
_entity_poly_seq.mon_id 
_entity_poly_seq.hetero 
1 1  GLY n 
1 2  SER n 
1 3  VAL n 
1 4  THR n 
1 5  HIS n 
1 6  ARG n 
1 7  PHE n 
1 8  SER n 
1 9  THR n 
1 10 LYS n 
1 11 SER n 
1 12 TRP n 
1 13 LEU n 
1 14 SER n 
1 15 GLN n 
1 16 VAL n 
1 17 CYS n 
1 18 ASN n 
1 19 VAL n 
1 20 CYS n 
1 21 GLN n 
1 22 LYS n 
1 23 SER n 
1 24 MET n 
1 25 ILE n 
1 26 PHE n 
1 27 GLY n 
1 28 VAL n 
1 29 LYS n 
1 30 CYS n 
1 31 LYS n 
1 32 HIS n 
1 33 CYS n 
1 34 ARG n 
1 35 LEU n 
1 36 LYS n 
1 37 CYS n 
1 38 HIS n 
1 39 ASN n 
1 40 LYS n 
1 41 CYS n 
1 42 THR n 
1 43 LYS n 
1 44 GLU n 
1 45 ALA n 
1 46 PRO n 
1 47 ALA n 
1 48 CYS n 
1 49 ARG n 
# 
_entity_src_gen.entity_id                          1 
_entity_src_gen.pdbx_src_id                        1 
_entity_src_gen.pdbx_alt_source_flag               sample 
_entity_src_gen.pdbx_seq_type                      ? 
_entity_src_gen.pdbx_beg_seq_num                   ? 
_entity_src_gen.pdbx_end_seq_num                   ? 
_entity_src_gen.gene_src_common_name               'house mouse' 
_entity_src_gen.gene_src_genus                     Mus 
_entity_src_gen.pdbx_gene_src_gene                 KSR1 
_entity_src_gen.gene_src_species                   ? 
_entity_src_gen.gene_src_strain                    ? 
_entity_src_gen.gene_src_tissue                    ? 
_entity_src_gen.gene_src_tissue_fraction           ? 
_entity_src_gen.gene_src_details                   ? 
_entity_src_gen.pdbx_gene_src_fragment             ? 
_entity_src_gen.pdbx_gene_src_scientific_name      'Mus musculus' 
_entity_src_gen.pdbx_gene_src_ncbi_taxonomy_id     10090 
_entity_src_gen.pdbx_gene_src_variant              ? 
_entity_src_gen.pdbx_gene_src_cell_line            ? 
_entity_src_gen.pdbx_gene_src_atcc                 ? 
_entity_src_gen.pdbx_gene_src_organ                ? 
_entity_src_gen.pdbx_gene_src_organelle            ? 
_entity_src_gen.pdbx_gene_src_cell                 ? 
_entity_src_gen.pdbx_gene_src_cellular_location    ? 
_entity_src_gen.host_org_common_name               ? 
_entity_src_gen.pdbx_host_org_scientific_name      'Escherichia coli BL21' 
_entity_src_gen.pdbx_host_org_ncbi_taxonomy_id     511693 
_entity_src_gen.host_org_genus                     Escherichia 
_entity_src_gen.pdbx_host_org_gene                 ? 
_entity_src_gen.pdbx_host_org_organ                ? 
_entity_src_gen.host_org_species                   'Escherichia coli' 
_entity_src_gen.pdbx_host_org_tissue               ? 
_entity_src_gen.pdbx_host_org_tissue_fraction      ? 
_entity_src_gen.pdbx_host_org_strain               BL21 
_entity_src_gen.pdbx_host_org_variant              ? 
_entity_src_gen.pdbx_host_org_cell_line            ? 
_entity_src_gen.pdbx_host_org_atcc                 ? 
_entity_src_gen.pdbx_host_org_culture_collection   ? 
_entity_src_gen.pdbx_host_org_cell                 ? 
_entity_src_gen.pdbx_host_org_organelle            ? 
_entity_src_gen.pdbx_host_org_cellular_location    ? 
_entity_src_gen.pdbx_host_org_vector_type          PLASMID 
_entity_src_gen.pdbx_host_org_vector               ? 
_entity_src_gen.host_org_details                   ? 
_entity_src_gen.expression_system_id               ? 
_entity_src_gen.plasmid_name                       pGEX-3X 
_entity_src_gen.plasmid_details                    ? 
_entity_src_gen.pdbx_description                   ? 
# 
loop_
_chem_comp.id 
_chem_comp.type 
_chem_comp.mon_nstd_flag 
_chem_comp.name 
_chem_comp.pdbx_synonyms 
_chem_comp.formula 
_chem_comp.formula_weight 
ALA 'L-peptide linking' y ALANINE         ? 'C3 H7 N O2'     89.093  
ARG 'L-peptide linking' y ARGININE        ? 'C6 H15 N4 O2 1' 175.209 
ASN 'L-peptide linking' y ASPARAGINE      ? 'C4 H8 N2 O3'    132.118 
CYS 'L-peptide linking' y CYSTEINE        ? 'C3 H7 N O2 S'   121.158 
GLN 'L-peptide linking' y GLUTAMINE       ? 'C5 H10 N2 O3'   146.144 
GLU 'L-peptide linking' y 'GLUTAMIC ACID' ? 'C5 H9 N O4'     147.129 
GLY 'peptide linking'   y GLYCINE         ? 'C2 H5 N O2'     75.067  
HIS 'L-peptide linking' y HISTIDINE       ? 'C6 H10 N3 O2 1' 156.162 
ILE 'L-peptide linking' y ISOLEUCINE      ? 'C6 H13 N O2'    131.173 
LEU 'L-peptide linking' y LEUCINE         ? 'C6 H13 N O2'    131.173 
LYS 'L-peptide linking' y LYSINE          ? 'C6 H15 N2 O2 1' 147.195 
MET 'L-peptide linking' y METHIONINE      ? 'C5 H11 N O2 S'  149.211 
PHE 'L-peptide linking' y PHENYLALANINE   ? 'C9 H11 N O2'    165.189 
PRO 'L-peptide linking' y PROLINE         ? 'C5 H9 N O2'     115.130 
SER 'L-peptide linking' y SERINE          ? 'C3 H7 N O3'     105.093 
THR 'L-peptide linking' y THREONINE       ? 'C4 H9 N O3'     119.119 
TRP 'L-peptide linking' y TRYPTOPHAN      ? 'C11 H12 N2 O2'  204.225 
VAL 'L-peptide linking' y VALINE          ? 'C5 H11 N O2'    117.146 
ZN  non-polymer         . 'ZINC ION'      ? 'Zn 2'           65.409  
# 
loop_
_pdbx_poly_seq_scheme.asym_id 
_pdbx_poly_seq_scheme.entity_id 
_pdbx_poly_seq_scheme.seq_id 
_pdbx_poly_seq_scheme.mon_id 
_pdbx_poly_seq_scheme.ndb_seq_num 
_pdbx_poly_seq_scheme.pdb_seq_num 
_pdbx_poly_seq_scheme.auth_seq_num 
_pdbx_poly_seq_scheme.pdb_mon_id 
_pdbx_poly_seq_scheme.auth_mon_id 
_pdbx_poly_seq_scheme.pdb_strand_id 
_pdbx_poly_seq_scheme.pdb_ins_code 
_pdbx_poly_seq_scheme.hetero 
A 1 1  GLY 1  330 330 GLY GLY A . n 
A 1 2  SER 2  331 331 SER SER A . n 
A 1 3  VAL 3  332 332 VAL VAL A . n 
A 1 4  THR 4  333 333 THR THR A . n 
A 1 5  HIS 5  334 334 HIS HIS A . n 
A 1 6  ARG 6  335 335 ARG ARG A . n 
A 1 7  PHE 7  336 336 PHE PHE A . n 
A 1 8  SER 8  337 337 SER SER A . n 
A 1 9  THR 9  338 338 THR THR A . n 
A 1 10 LYS 10 339 339 LYS LYS A . n 
A 1 11 SER 11 340 340 SER SER A . n 
A 1 12 TRP 12 341 341 TRP TRP A . n 
A 1 13 LEU 13 342 342 LEU LEU A . n 
A 1 14 SER 14 343 343 SER SER A . n 
A 1 15 GLN 15 344 344 GLN GLN A . n 
A 1 16 VAL 16 345 345 VAL VAL A . n 
A 1 17 CYS 17 346 346 CYS CYS A . n 
A 1 18 ASN 18 347 347 ASN ASN A . n 
A 1 19 VAL 19 348 348 VAL VAL A . n 
A 1 20 CYS 20 349 349 CYS CYS A . n 
A 1 21 GLN 21 350 350 GLN GLN A . n 
A 1 22 LYS 22 351 351 LYS LYS A . n 
A 1 23 SER 23 352 352 SER SER A . n 
A 1 24 MET 24 353 353 MET MET A . n 
A 1 25 ILE 25 354 354 ILE ILE A . n 
A 1 26 PHE 26 355 355 PHE PHE A . n 
A 1 27 GLY 27 356 356 GLY GLY A . n 
A 1 28 VAL 28 357 357 VAL VAL A . n 
A 1 29 LYS 29 358 358 LYS LYS A . n 
A 1 30 CYS 30 359 359 CYS CYS A . n 
A 1 31 LYS 31 360 360 LYS LYS A . n 
A 1 32 HIS 32 361 361 HIS HIS A . n 
A 1 33 CYS 33 362 362 CYS CYS A . n 
A 1 34 ARG 34 363 363 ARG ARG A . n 
A 1 35 LEU 35 364 364 LEU LEU A . n 
A 1 36 LYS 36 365 365 LYS LYS A . n 
A 1 37 CYS 37 366 366 CYS CYS A . n 
A 1 38 HIS 38 367 367 HIS HIS A . n 
A 1 39 ASN 39 368 368 ASN ASN A . n 
A 1 40 LYS 40 369 369 LYS LYS A . n 
A 1 41 CYS 41 370 370 CYS CYS A . n 
A 1 42 THR 42 371 371 THR THR A . n 
A 1 43 LYS 43 372 372 LYS LYS A . n 
A 1 44 GLU 44 373 373 GLU GLU A . n 
A 1 45 ALA 45 374 374 ALA ALA A . n 
A 1 46 PRO 46 375 375 PRO PRO A . n 
A 1 47 ALA 47 376 376 ALA ALA A . n 
A 1 48 CYS 48 377 377 CYS CYS A . n 
A 1 49 ARG 49 378 378 ARG ARG A . n 
# 
loop_
_pdbx_nonpoly_scheme.asym_id 
_pdbx_nonpoly_scheme.entity_id 
_pdbx_nonpoly_scheme.mon_id 
_pdbx_nonpoly_scheme.ndb_seq_num 
_pdbx_nonpoly_scheme.pdb_seq_num 
_pdbx_nonpoly_scheme.auth_seq_num 
_pdbx_nonpoly_scheme.pdb_mon_id 
_pdbx_nonpoly_scheme.auth_mon_id 
_pdbx_nonpoly_scheme.pdb_strand_id 
_pdbx_nonpoly_scheme.pdb_ins_code 
B 2 ZN 1 1 1 ZN ZN A . 
C 2 ZN 1 2 2 ZN ZN A . 
# 
_exptl.entry_id          1KBE 
_exptl.method            'SOLUTION NMR' 
_exptl.crystals_number   ? 
# 
_exptl_crystal.id                    1 
_exptl_crystal.density_meas          ? 
_exptl_crystal.density_Matthews      ? 
_exptl_crystal.density_percent_sol   ? 
_exptl_crystal.description           ? 
# 
_diffrn.id                     1 
_diffrn.ambient_temp           ? 
_diffrn.ambient_temp_details   ? 
_diffrn.crystal_id             1 
# 
_diffrn_radiation.diffrn_id                        1 
_diffrn_radiation.wavelength_id                    1 
_diffrn_radiation.pdbx_monochromatic_or_laue_m_l   M 
_diffrn_radiation.monochromator                    ? 
_diffrn_radiation.pdbx_diffrn_protocol             'SINGLE WAVELENGTH' 
_diffrn_radiation.pdbx_scattering_type             ? 
# 
_diffrn_radiation_wavelength.id           1 
_diffrn_radiation_wavelength.wavelength   . 
_diffrn_radiation_wavelength.wt           1.0 
# 
_struct.entry_id                  1KBE 
_struct.title                     'Solution structure of the cysteine-rich C1 domain of Kinase Suppressor of Ras' 
_struct.pdbx_model_details        ? 
_struct.pdbx_CASP_flag            ? 
_struct.pdbx_model_type_details   ? 
# 
_struct_keywords.entry_id        1KBE 
_struct_keywords.pdbx_keywords   'SIGNALING PROTEIN' 
_struct_keywords.text            'Kinase Suppressor of Ras, KSR, Cysteine-rich domain, Zinc-binding protein, SIGNALING PROTEIN' 
# 
loop_
_struct_asym.id 
_struct_asym.pdbx_blank_PDB_chainid_flag 
_struct_asym.pdbx_modified 
_struct_asym.entity_id 
_struct_asym.details 
A N N 1 ? 
B N N 2 ? 
C N N 2 ? 
# 
_struct_ref.id                         1 
_struct_ref.db_name                    UNP 
_struct_ref.db_code                    KSR1_MOUSE 
_struct_ref.entity_id                  1 
_struct_ref.pdbx_seq_one_letter_code   SVTHRFSTKSWLSQVCNVCQKSMIFGVKCKHCRLKCHNKCTKEAPACR 
_struct_ref.pdbx_align_begin           331 
_struct_ref.pdbx_db_accession          Q61097 
_struct_ref.pdbx_db_isoform            ? 
# 
_struct_ref_seq.align_id                      1 
_struct_ref_seq.ref_id                        1 
_struct_ref_seq.pdbx_PDB_id_code              1KBE 
_struct_ref_seq.pdbx_strand_id                A 
_struct_ref_seq.seq_align_beg                 2 
_struct_ref_seq.pdbx_seq_align_beg_ins_code   ? 
_struct_ref_seq.seq_align_end                 49 
_struct_ref_seq.pdbx_seq_align_end_ins_code   ? 
_struct_ref_seq.pdbx_db_accession             Q61097 
_struct_ref_seq.db_align_beg                  331 
_struct_ref_seq.pdbx_db_align_beg_ins_code    ? 
_struct_ref_seq.db_align_end                  378 
_struct_ref_seq.pdbx_db_align_end_ins_code    ? 
_struct_ref_seq.pdbx_auth_seq_align_beg       331 
_struct_ref_seq.pdbx_auth_seq_align_end       378 
# 
_struct_ref_seq_dif.align_id                     1 
_struct_ref_seq_dif.pdbx_pdb_id_code             1KBE 
_struct_ref_seq_dif.mon_id                       GLY 
_struct_ref_seq_dif.pdbx_pdb_strand_id           A 
_struct_ref_seq_dif.seq_num                      1 
_struct_ref_seq_dif.pdbx_pdb_ins_code            ? 
_struct_ref_seq_dif.pdbx_seq_db_name             UNP 
_struct_ref_seq_dif.pdbx_seq_db_accession_code   Q61097 
_struct_ref_seq_dif.db_mon_id                    ? 
_struct_ref_seq_dif.pdbx_seq_db_seq_num          ? 
_struct_ref_seq_dif.details                      'cloning artifact' 
_struct_ref_seq_dif.pdbx_auth_seq_num            330 
_struct_ref_seq_dif.pdbx_ordinal                 1 
# 
_pdbx_struct_assembly.id                   1 
_pdbx_struct_assembly.details              author_defined_assembly 
_pdbx_struct_assembly.method_details       ? 
_pdbx_struct_assembly.oligomeric_details   monomeric 
_pdbx_struct_assembly.oligomeric_count     1 
# 
_pdbx_struct_assembly_gen.assembly_id       1 
_pdbx_struct_assembly_gen.oper_expression   1 
_pdbx_struct_assembly_gen.asym_id_list      A,B,C 
# 
_pdbx_struct_oper_list.id                   1 
_pdbx_struct_oper_list.type                 'identity operation' 
_pdbx_struct_oper_list.name                 1_555 
_pdbx_struct_oper_list.symmetry_operation   x,y,z 
_pdbx_struct_oper_list.matrix[1][1]         1.0000000000 
_pdbx_struct_oper_list.matrix[1][2]         0.0000000000 
_pdbx_struct_oper_list.matrix[1][3]         0.0000000000 
_pdbx_struct_oper_list.vector[1]            0.0000000000 
_pdbx_struct_oper_list.matrix[2][1]         0.0000000000 
_pdbx_struct_oper_list.matrix[2][2]         1.0000000000 
_pdbx_struct_oper_list.matrix[2][3]         0.0000000000 
_pdbx_struct_oper_list.vector[2]            0.0000000000 
_pdbx_struct_oper_list.matrix[3][1]         0.0000000000 
_pdbx_struct_oper_list.matrix[3][2]         0.0000000000 
_pdbx_struct_oper_list.matrix[3][3]         1.0000000000 
_pdbx_struct_oper_list.vector[3]            0.0000000000 
# 
_struct_biol.id   1 
# 
loop_
_struct_conn.id 
_struct_conn.conn_type_id 
_struct_conn.pdbx_leaving_atom_flag 
_struct_conn.pdbx_PDB_id 
_struct_conn.ptnr1_label_asym_id 
_struct_conn.ptnr1_label_comp_id 
_struct_conn.ptnr1_label_seq_id 
_struct_conn.ptnr1_label_atom_id 
_struct_conn.pdbx_ptnr1_label_alt_id 
_struct_conn.pdbx_ptnr1_PDB_ins_code 
_struct_conn.pdbx_ptnr1_standard_comp_id 
_struct_conn.ptnr1_symmetry 
_struct_conn.ptnr2_label_asym_id 
_struct_conn.ptnr2_label_comp_id 
_struct_conn.ptnr2_label_seq_id 
_struct_conn.ptnr2_label_atom_id 
_struct_conn.pdbx_ptnr2_label_alt_id 
_struct_conn.pdbx_ptnr2_PDB_ins_code 
_struct_conn.ptnr1_auth_asym_id 
_struct_conn.ptnr1_auth_comp_id 
_struct_conn.ptnr1_auth_seq_id 
_struct_conn.ptnr2_auth_asym_id 
_struct_conn.ptnr2_auth_comp_id 
_struct_conn.ptnr2_auth_seq_id 
_struct_conn.ptnr2_symmetry 
_struct_conn.pdbx_ptnr3_label_atom_id 
_struct_conn.pdbx_ptnr3_label_seq_id 
_struct_conn.pdbx_ptnr3_label_comp_id 
_struct_conn.pdbx_ptnr3_label_asym_id 
_struct_conn.pdbx_ptnr3_label_alt_id 
_struct_conn.pdbx_ptnr3_PDB_ins_code 
_struct_conn.details 
_struct_conn.pdbx_dist_value 
_struct_conn.pdbx_value_order 
_struct_conn.pdbx_role 
disulf1 disulf ? ? A CYS 30 SG ? ? ? 1_555 A CYS 48 SG  ? ? A CYS 359 A CYS 377 1_555 ? ? ? ? ? ? ? 2.468 ? ? 
metalc1 metalc ? ? B ZN  .  ZN ? ? ? 1_555 A HIS 5  ND1 ? ? A ZN  1   A HIS 334 1_555 ? ? ? ? ? ? ? 2.034 ? ? 
metalc2 metalc ? ? B ZN  .  ZN ? ? ? 1_555 A CYS 30 SG  ? ? A ZN  1   A CYS 359 1_555 ? ? ? ? ? ? ? 2.323 ? ? 
metalc3 metalc ? ? B ZN  .  ZN ? ? ? 1_555 A LYS 31 O   ? ? A ZN  1   A LYS 360 1_555 ? ? ? ? ? ? ? 2.412 ? ? 
metalc4 metalc ? ? B ZN  .  ZN ? ? ? 1_555 A CYS 33 SG  ? ? A ZN  1   A CYS 362 1_555 ? ? ? ? ? ? ? 2.338 ? ? 
metalc5 metalc ? ? B ZN  .  ZN ? ? ? 1_555 A CYS 48 SG  ? ? A ZN  1   A CYS 377 1_555 ? ? ? ? ? ? ? 2.300 ? ? 
metalc6 metalc ? ? C ZN  .  ZN ? ? ? 1_555 A CYS 17 SG  ? ? A ZN  2   A CYS 346 1_555 ? ? ? ? ? ? ? 2.319 ? ? 
metalc7 metalc ? ? C ZN  .  ZN ? ? ? 1_555 A CYS 20 SG  ? ? A ZN  2   A CYS 349 1_555 ? ? ? ? ? ? ? 2.298 ? ? 
metalc8 metalc ? ? C ZN  .  ZN ? ? ? 1_555 A HIS 38 ND1 ? ? A ZN  2   A HIS 367 1_555 ? ? ? ? ? ? ? 1.998 ? ? 
metalc9 metalc ? ? C ZN  .  ZN ? ? ? 1_555 A CYS 41 SG  ? ? A ZN  2   A CYS 370 1_555 ? ? ? ? ? ? ? 2.340 ? ? 
# 
loop_
_struct_conn_type.id 
_struct_conn_type.criteria 
_struct_conn_type.reference 
disulf ? ? 
metalc ? ? 
# 
loop_
_pdbx_struct_conn_angle.id 
_pdbx_struct_conn_angle.ptnr1_label_atom_id 
_pdbx_struct_conn_angle.ptnr1_label_alt_id 
_pdbx_struct_conn_angle.ptnr1_label_asym_id 
_pdbx_struct_conn_angle.ptnr1_label_comp_id 
_pdbx_struct_conn_angle.ptnr1_label_seq_id 
_pdbx_struct_conn_angle.ptnr1_auth_atom_id 
_pdbx_struct_conn_angle.ptnr1_auth_asym_id 
_pdbx_struct_conn_angle.ptnr1_auth_comp_id 
_pdbx_struct_conn_angle.ptnr1_auth_seq_id 
_pdbx_struct_conn_angle.ptnr1_PDB_ins_code 
_pdbx_struct_conn_angle.ptnr1_symmetry 
_pdbx_struct_conn_angle.ptnr2_label_atom_id 
_pdbx_struct_conn_angle.ptnr2_label_alt_id 
_pdbx_struct_conn_angle.ptnr2_label_asym_id 
_pdbx_struct_conn_angle.ptnr2_label_comp_id 
_pdbx_struct_conn_angle.ptnr2_label_seq_id 
_pdbx_struct_conn_angle.ptnr2_auth_atom_id 
_pdbx_struct_conn_angle.ptnr2_auth_asym_id 
_pdbx_struct_conn_angle.ptnr2_auth_comp_id 
_pdbx_struct_conn_angle.ptnr2_auth_seq_id 
_pdbx_struct_conn_angle.ptnr2_PDB_ins_code 
_pdbx_struct_conn_angle.ptnr2_symmetry 
_pdbx_struct_conn_angle.ptnr3_label_atom_id 
_pdbx_struct_conn_angle.ptnr3_label_alt_id 
_pdbx_struct_conn_angle.ptnr3_label_asym_id 
_pdbx_struct_conn_angle.ptnr3_label_comp_id 
_pdbx_struct_conn_angle.ptnr3_label_seq_id 
_pdbx_struct_conn_angle.ptnr3_auth_atom_id 
_pdbx_struct_conn_angle.ptnr3_auth_asym_id 
_pdbx_struct_conn_angle.ptnr3_auth_comp_id 
_pdbx_struct_conn_angle.ptnr3_auth_seq_id 
_pdbx_struct_conn_angle.ptnr3_PDB_ins_code 
_pdbx_struct_conn_angle.ptnr3_symmetry 
_pdbx_struct_conn_angle.value 
_pdbx_struct_conn_angle.value_esd 
1  ND1 ? A HIS 5  ? A HIS 334 ? 1_555 ZN ? B ZN . ? A ZN 1 ? 1_555 SG  ? A CYS 30 ? A CYS 359 ? 1_555 157.5 ? 
2  ND1 ? A HIS 5  ? A HIS 334 ? 1_555 ZN ? B ZN . ? A ZN 1 ? 1_555 O   ? A LYS 31 ? A LYS 360 ? 1_555 101.4 ? 
3  SG  ? A CYS 30 ? A CYS 359 ? 1_555 ZN ? B ZN . ? A ZN 1 ? 1_555 O   ? A LYS 31 ? A LYS 360 ? 1_555 89.0  ? 
4  ND1 ? A HIS 5  ? A HIS 334 ? 1_555 ZN ? B ZN . ? A ZN 1 ? 1_555 SG  ? A CYS 33 ? A CYS 362 ? 1_555 94.1  ? 
5  SG  ? A CYS 30 ? A CYS 359 ? 1_555 ZN ? B ZN . ? A ZN 1 ? 1_555 SG  ? A CYS 33 ? A CYS 362 ? 1_555 105.4 ? 
6  O   ? A LYS 31 ? A LYS 360 ? 1_555 ZN ? B ZN . ? A ZN 1 ? 1_555 SG  ? A CYS 33 ? A CYS 362 ? 1_555 92.3  ? 
7  ND1 ? A HIS 5  ? A HIS 334 ? 1_555 ZN ? B ZN . ? A ZN 1 ? 1_555 SG  ? A CYS 48 ? A CYS 377 ? 1_555 103.0 ? 
8  SG  ? A CYS 30 ? A CYS 359 ? 1_555 ZN ? B ZN . ? A ZN 1 ? 1_555 SG  ? A CYS 48 ? A CYS 377 ? 1_555 64.5  ? 
9  O   ? A LYS 31 ? A LYS 360 ? 1_555 ZN ? B ZN . ? A ZN 1 ? 1_555 SG  ? A CYS 48 ? A CYS 377 ? 1_555 153.5 ? 
10 SG  ? A CYS 33 ? A CYS 362 ? 1_555 ZN ? B ZN . ? A ZN 1 ? 1_555 SG  ? A CYS 48 ? A CYS 377 ? 1_555 95.9  ? 
11 SG  ? A CYS 17 ? A CYS 346 ? 1_555 ZN ? C ZN . ? A ZN 2 ? 1_555 SG  ? A CYS 20 ? A CYS 349 ? 1_555 110.3 ? 
12 SG  ? A CYS 17 ? A CYS 346 ? 1_555 ZN ? C ZN . ? A ZN 2 ? 1_555 ND1 ? A HIS 38 ? A HIS 367 ? 1_555 72.2  ? 
13 SG  ? A CYS 20 ? A CYS 349 ? 1_555 ZN ? C ZN . ? A ZN 2 ? 1_555 ND1 ? A HIS 38 ? A HIS 367 ? 1_555 92.3  ? 
14 SG  ? A CYS 17 ? A CYS 346 ? 1_555 ZN ? C ZN . ? A ZN 2 ? 1_555 SG  ? A CYS 41 ? A CYS 370 ? 1_555 130.3 ? 
15 SG  ? A CYS 20 ? A CYS 349 ? 1_555 ZN ? C ZN . ? A ZN 2 ? 1_555 SG  ? A CYS 41 ? A CYS 370 ? 1_555 119.1 ? 
16 ND1 ? A HIS 38 ? A HIS 367 ? 1_555 ZN ? C ZN . ? A ZN 2 ? 1_555 SG  ? A CYS 41 ? A CYS 370 ? 1_555 99.7  ? 
# 
_pdbx_modification_feature.ordinal                            1 
_pdbx_modification_feature.label_comp_id                      CYS 
_pdbx_modification_feature.label_asym_id                      A 
_pdbx_modification_feature.label_seq_id                       30 
_pdbx_modification_feature.label_alt_id                       ? 
_pdbx_modification_feature.modified_residue_label_comp_id     CYS 
_pdbx_modification_feature.modified_residue_label_asym_id     A 
_pdbx_modification_feature.modified_residue_label_seq_id      48 
_pdbx_modification_feature.modified_residue_label_alt_id      ? 
_pdbx_modification_feature.auth_comp_id                       CYS 
_pdbx_modification_feature.auth_asym_id                       A 
_pdbx_modification_feature.auth_seq_id                        359 
_pdbx_modification_feature.PDB_ins_code                       ? 
_pdbx_modification_feature.symmetry                           1_555 
_pdbx_modification_feature.modified_residue_auth_comp_id      CYS 
_pdbx_modification_feature.modified_residue_auth_asym_id      A 
_pdbx_modification_feature.modified_residue_auth_seq_id       377 
_pdbx_modification_feature.modified_residue_PDB_ins_code      ? 
_pdbx_modification_feature.modified_residue_symmetry          1_555 
_pdbx_modification_feature.comp_id_linking_atom               SG 
_pdbx_modification_feature.modified_residue_id_linking_atom   SG 
_pdbx_modification_feature.modified_residue_id                . 
_pdbx_modification_feature.ref_pcm_id                         . 
_pdbx_modification_feature.ref_comp_id                        . 
_pdbx_modification_feature.type                               None 
_pdbx_modification_feature.category                           'Disulfide bridge' 
# 
_struct_sheet.id               A 
_struct_sheet.type             ? 
_struct_sheet.number_strands   3 
_struct_sheet.details          ? 
# 
loop_
_struct_sheet_order.sheet_id 
_struct_sheet_order.range_id_1 
_struct_sheet_order.range_id_2 
_struct_sheet_order.offset 
_struct_sheet_order.sense 
A 1 2 ? anti-parallel 
A 2 3 ? anti-parallel 
# 
loop_
_struct_sheet_range.sheet_id 
_struct_sheet_range.id 
_struct_sheet_range.beg_label_comp_id 
_struct_sheet_range.beg_label_asym_id 
_struct_sheet_range.beg_label_seq_id 
_struct_sheet_range.pdbx_beg_PDB_ins_code 
_struct_sheet_range.end_label_comp_id 
_struct_sheet_range.end_label_asym_id 
_struct_sheet_range.end_label_seq_id 
_struct_sheet_range.pdbx_end_PDB_ins_code 
_struct_sheet_range.beg_auth_comp_id 
_struct_sheet_range.beg_auth_asym_id 
_struct_sheet_range.beg_auth_seq_id 
_struct_sheet_range.end_auth_comp_id 
_struct_sheet_range.end_auth_asym_id 
_struct_sheet_range.end_auth_seq_id 
A 1 PHE A 7  ? LYS A 10 ? PHE A 336 LYS A 339 
A 2 GLY A 27 ? CYS A 30 ? GLY A 356 CYS A 359 
A 3 LEU A 35 ? CYS A 37 ? LEU A 364 CYS A 366 
# 
loop_
_pdbx_struct_sheet_hbond.sheet_id 
_pdbx_struct_sheet_hbond.range_id_1 
_pdbx_struct_sheet_hbond.range_id_2 
_pdbx_struct_sheet_hbond.range_1_label_atom_id 
_pdbx_struct_sheet_hbond.range_1_label_comp_id 
_pdbx_struct_sheet_hbond.range_1_label_asym_id 
_pdbx_struct_sheet_hbond.range_1_label_seq_id 
_pdbx_struct_sheet_hbond.range_1_PDB_ins_code 
_pdbx_struct_sheet_hbond.range_1_auth_atom_id 
_pdbx_struct_sheet_hbond.range_1_auth_comp_id 
_pdbx_struct_sheet_hbond.range_1_auth_asym_id 
_pdbx_struct_sheet_hbond.range_1_auth_seq_id 
_pdbx_struct_sheet_hbond.range_2_label_atom_id 
_pdbx_struct_sheet_hbond.range_2_label_comp_id 
_pdbx_struct_sheet_hbond.range_2_label_asym_id 
_pdbx_struct_sheet_hbond.range_2_label_seq_id 
_pdbx_struct_sheet_hbond.range_2_PDB_ins_code 
_pdbx_struct_sheet_hbond.range_2_auth_atom_id 
_pdbx_struct_sheet_hbond.range_2_auth_comp_id 
_pdbx_struct_sheet_hbond.range_2_auth_asym_id 
_pdbx_struct_sheet_hbond.range_2_auth_seq_id 
A 1 2 N LYS A 10 ? N LYS A 339 O GLY A 27 ? O GLY A 356 
A 2 3 N CYS A 30 ? N CYS A 359 O LEU A 35 ? O LEU A 364 
# 
loop_
_struct_site.id 
_struct_site.pdbx_evidence_code 
_struct_site.pdbx_auth_asym_id 
_struct_site.pdbx_auth_comp_id 
_struct_site.pdbx_auth_seq_id 
_struct_site.pdbx_auth_ins_code 
_struct_site.pdbx_num_residues 
_struct_site.details 
AC1 Software A ZN 1 ? 5 'BINDING SITE FOR RESIDUE ZN A 1' 
AC2 Software A ZN 2 ? 4 'BINDING SITE FOR RESIDUE ZN A 2' 
# 
loop_
_struct_site_gen.id 
_struct_site_gen.site_id 
_struct_site_gen.pdbx_num_res 
_struct_site_gen.label_comp_id 
_struct_site_gen.label_asym_id 
_struct_site_gen.label_seq_id 
_struct_site_gen.pdbx_auth_ins_code 
_struct_site_gen.auth_comp_id 
_struct_site_gen.auth_asym_id 
_struct_site_gen.auth_seq_id 
_struct_site_gen.label_atom_id 
_struct_site_gen.label_alt_id 
_struct_site_gen.symmetry 
_struct_site_gen.details 
1 AC1 5 HIS A 5  ? HIS A 334 . ? 1_555 ? 
2 AC1 5 CYS A 30 ? CYS A 359 . ? 1_555 ? 
3 AC1 5 LYS A 31 ? LYS A 360 . ? 1_555 ? 
4 AC1 5 CYS A 33 ? CYS A 362 . ? 1_555 ? 
5 AC1 5 CYS A 48 ? CYS A 377 . ? 1_555 ? 
6 AC2 4 CYS A 17 ? CYS A 346 . ? 1_555 ? 
7 AC2 4 CYS A 20 ? CYS A 349 . ? 1_555 ? 
8 AC2 4 HIS A 38 ? HIS A 367 . ? 1_555 ? 
9 AC2 4 CYS A 41 ? CYS A 370 . ? 1_555 ? 
# 
_pdbx_entry_details.entry_id                   1KBE 
_pdbx_entry_details.compound_details           ? 
_pdbx_entry_details.source_details             ? 
_pdbx_entry_details.nonpolymer_details         ? 
_pdbx_entry_details.sequence_details           ? 
_pdbx_entry_details.has_ligand_of_interest     ? 
_pdbx_entry_details.has_protein_modification   Y 
# 
loop_
_pdbx_validate_torsion.id 
_pdbx_validate_torsion.PDB_model_num 
_pdbx_validate_torsion.auth_comp_id 
_pdbx_validate_torsion.auth_asym_id 
_pdbx_validate_torsion.auth_seq_id 
_pdbx_validate_torsion.PDB_ins_code 
_pdbx_validate_torsion.label_alt_id 
_pdbx_validate_torsion.phi 
_pdbx_validate_torsion.psi 
1  1 SER A 340 ? ? -158.28 78.34   
2  1 TRP A 341 ? ? -57.38  -82.77  
3  1 LEU A 342 ? ? 179.64  -54.07  
4  1 VAL A 348 ? ? -130.88 -69.69  
5  1 GLN A 350 ? ? 44.69   97.35   
6  1 SER A 352 ? ? -64.61  97.34   
7  1 MET A 353 ? ? 177.88  178.55  
8  1 HIS A 361 ? ? 65.72   -32.98  
9  1 ARG A 363 ? ? 76.81   87.10   
10 1 HIS A 367 ? ? -44.92  174.34  
11 1 LYS A 369 ? ? -151.90 -73.60  
12 1 PRO A 375 ? ? -75.96  -168.34 
# 
_pdbx_nmr_ensemble.entry_id                                      1KBE 
_pdbx_nmr_ensemble.conformers_calculated_total_number            ? 
_pdbx_nmr_ensemble.conformers_submitted_total_number             1 
_pdbx_nmr_ensemble.conformer_selection_criteria                  'structures with the lowest energy' 
_pdbx_nmr_ensemble.average_constraints_per_residue               ? 
_pdbx_nmr_ensemble.average_constraint_violations_per_residue     ? 
_pdbx_nmr_ensemble.maximum_distance_constraint_violation         ? 
_pdbx_nmr_ensemble.average_distance_constraint_violation         ? 
_pdbx_nmr_ensemble.maximum_upper_distance_constraint_violation   ? 
_pdbx_nmr_ensemble.maximum_lower_distance_constraint_violation   ? 
_pdbx_nmr_ensemble.distance_constraint_violation_method          ? 
_pdbx_nmr_ensemble.maximum_torsion_angle_constraint_violation    ? 
_pdbx_nmr_ensemble.average_torsion_angle_constraint_violation    ? 
_pdbx_nmr_ensemble.torsion_angle_constraint_violation_method     ? 
# 
_pdbx_nmr_representative.entry_id             1KBE 
_pdbx_nmr_representative.conformer_id         1 
_pdbx_nmr_representative.selection_criteria   'lowest energy' 
# 
_pdbx_nmr_sample_details.solution_id      1 
_pdbx_nmr_sample_details.contents         2 
_pdbx_nmr_sample_details.solvent_system   '90% H2O/10% D2O' 
# 
_pdbx_nmr_exptl_sample_conditions.conditions_id       1 
_pdbx_nmr_exptl_sample_conditions.temperature         298 
_pdbx_nmr_exptl_sample_conditions.pressure            ambient 
_pdbx_nmr_exptl_sample_conditions.pH                  6.5 
_pdbx_nmr_exptl_sample_conditions.ionic_strength      ? 
_pdbx_nmr_exptl_sample_conditions.pressure_units      ? 
_pdbx_nmr_exptl_sample_conditions.temperature_units   K 
# 
loop_
_pdbx_nmr_software.name 
_pdbx_nmr_software.version 
_pdbx_nmr_software.classification 
_pdbx_nmr_software.authors 
_pdbx_nmr_software.ordinal 
ANSIG 3.3 processing Kraulis        1 
CNS   1.0 refinement 'STEIN ET AL.' 2 
# 
loop_
_chem_comp_atom.comp_id 
_chem_comp_atom.atom_id 
_chem_comp_atom.type_symbol 
_chem_comp_atom.pdbx_aromatic_flag 
_chem_comp_atom.pdbx_stereo_config 
_chem_comp_atom.pdbx_ordinal 
ALA N    N  N N 1   
ALA CA   C  N S 2   
ALA C    C  N N 3   
ALA O    O  N N 4   
ALA CB   C  N N 5   
ALA OXT  O  N N 6   
ALA H    H  N N 7   
ALA H2   H  N N 8   
ALA HA   H  N N 9   
ALA HB1  H  N N 10  
ALA HB2  H  N N 11  
ALA HB3  H  N N 12  
ALA HXT  H  N N 13  
ARG N    N  N N 14  
ARG CA   C  N S 15  
ARG C    C  N N 16  
ARG O    O  N N 17  
ARG CB   C  N N 18  
ARG CG   C  N N 19  
ARG CD   C  N N 20  
ARG NE   N  N N 21  
ARG CZ   C  N N 22  
ARG NH1  N  N N 23  
ARG NH2  N  N N 24  
ARG OXT  O  N N 25  
ARG H    H  N N 26  
ARG H2   H  N N 27  
ARG HA   H  N N 28  
ARG HB2  H  N N 29  
ARG HB3  H  N N 30  
ARG HG2  H  N N 31  
ARG HG3  H  N N 32  
ARG HD2  H  N N 33  
ARG HD3  H  N N 34  
ARG HE   H  N N 35  
ARG HH11 H  N N 36  
ARG HH12 H  N N 37  
ARG HH21 H  N N 38  
ARG HH22 H  N N 39  
ARG HXT  H  N N 40  
ASN N    N  N N 41  
ASN CA   C  N S 42  
ASN C    C  N N 43  
ASN O    O  N N 44  
ASN CB   C  N N 45  
ASN CG   C  N N 46  
ASN OD1  O  N N 47  
ASN ND2  N  N N 48  
ASN OXT  O  N N 49  
ASN H    H  N N 50  
ASN H2   H  N N 51  
ASN HA   H  N N 52  
ASN HB2  H  N N 53  
ASN HB3  H  N N 54  
ASN HD21 H  N N 55  
ASN HD22 H  N N 56  
ASN HXT  H  N N 57  
CYS N    N  N N 58  
CYS CA   C  N R 59  
CYS C    C  N N 60  
CYS O    O  N N 61  
CYS CB   C  N N 62  
CYS SG   S  N N 63  
CYS OXT  O  N N 64  
CYS H    H  N N 65  
CYS H2   H  N N 66  
CYS HA   H  N N 67  
CYS HB2  H  N N 68  
CYS HB3  H  N N 69  
CYS HG   H  N N 70  
CYS HXT  H  N N 71  
GLN N    N  N N 72  
GLN CA   C  N S 73  
GLN C    C  N N 74  
GLN O    O  N N 75  
GLN CB   C  N N 76  
GLN CG   C  N N 77  
GLN CD   C  N N 78  
GLN OE1  O  N N 79  
GLN NE2  N  N N 80  
GLN OXT  O  N N 81  
GLN H    H  N N 82  
GLN H2   H  N N 83  
GLN HA   H  N N 84  
GLN HB2  H  N N 85  
GLN HB3  H  N N 86  
GLN HG2  H  N N 87  
GLN HG3  H  N N 88  
GLN HE21 H  N N 89  
GLN HE22 H  N N 90  
GLN HXT  H  N N 91  
GLU N    N  N N 92  
GLU CA   C  N S 93  
GLU C    C  N N 94  
GLU O    O  N N 95  
GLU CB   C  N N 96  
GLU CG   C  N N 97  
GLU CD   C  N N 98  
GLU OE1  O  N N 99  
GLU OE2  O  N N 100 
GLU OXT  O  N N 101 
GLU H    H  N N 102 
GLU H2   H  N N 103 
GLU HA   H  N N 104 
GLU HB2  H  N N 105 
GLU HB3  H  N N 106 
GLU HG2  H  N N 107 
GLU HG3  H  N N 108 
GLU HE2  H  N N 109 
GLU HXT  H  N N 110 
GLY N    N  N N 111 
GLY CA   C  N N 112 
GLY C    C  N N 113 
GLY O    O  N N 114 
GLY OXT  O  N N 115 
GLY H    H  N N 116 
GLY H2   H  N N 117 
GLY HA2  H  N N 118 
GLY HA3  H  N N 119 
GLY HXT  H  N N 120 
HIS N    N  N N 121 
HIS CA   C  N S 122 
HIS C    C  N N 123 
HIS O    O  N N 124 
HIS CB   C  N N 125 
HIS CG   C  Y N 126 
HIS ND1  N  Y N 127 
HIS CD2  C  Y N 128 
HIS CE1  C  Y N 129 
HIS NE2  N  Y N 130 
HIS OXT  O  N N 131 
HIS H    H  N N 132 
HIS H2   H  N N 133 
HIS HA   H  N N 134 
HIS HB2  H  N N 135 
HIS HB3  H  N N 136 
HIS HD1  H  N N 137 
HIS HD2  H  N N 138 
HIS HE1  H  N N 139 
HIS HE2  H  N N 140 
HIS HXT  H  N N 141 
ILE N    N  N N 142 
ILE CA   C  N S 143 
ILE C    C  N N 144 
ILE O    O  N N 145 
ILE CB   C  N S 146 
ILE CG1  C  N N 147 
ILE CG2  C  N N 148 
ILE CD1  C  N N 149 
ILE OXT  O  N N 150 
ILE H    H  N N 151 
ILE H2   H  N N 152 
ILE HA   H  N N 153 
ILE HB   H  N N 154 
ILE HG12 H  N N 155 
ILE HG13 H  N N 156 
ILE HG21 H  N N 157 
ILE HG22 H  N N 158 
ILE HG23 H  N N 159 
ILE HD11 H  N N 160 
ILE HD12 H  N N 161 
ILE HD13 H  N N 162 
ILE HXT  H  N N 163 
LEU N    N  N N 164 
LEU CA   C  N S 165 
LEU C    C  N N 166 
LEU O    O  N N 167 
LEU CB   C  N N 168 
LEU CG   C  N N 169 
LEU CD1  C  N N 170 
LEU CD2  C  N N 171 
LEU OXT  O  N N 172 
LEU H    H  N N 173 
LEU H2   H  N N 174 
LEU HA   H  N N 175 
LEU HB2  H  N N 176 
LEU HB3  H  N N 177 
LEU HG   H  N N 178 
LEU HD11 H  N N 179 
LEU HD12 H  N N 180 
LEU HD13 H  N N 181 
LEU HD21 H  N N 182 
LEU HD22 H  N N 183 
LEU HD23 H  N N 184 
LEU HXT  H  N N 185 
LYS N    N  N N 186 
LYS CA   C  N S 187 
LYS C    C  N N 188 
LYS O    O  N N 189 
LYS CB   C  N N 190 
LYS CG   C  N N 191 
LYS CD   C  N N 192 
LYS CE   C  N N 193 
LYS NZ   N  N N 194 
LYS OXT  O  N N 195 
LYS H    H  N N 196 
LYS H2   H  N N 197 
LYS HA   H  N N 198 
LYS HB2  H  N N 199 
LYS HB3  H  N N 200 
LYS HG2  H  N N 201 
LYS HG3  H  N N 202 
LYS HD2  H  N N 203 
LYS HD3  H  N N 204 
LYS HE2  H  N N 205 
LYS HE3  H  N N 206 
LYS HZ1  H  N N 207 
LYS HZ2  H  N N 208 
LYS HZ3  H  N N 209 
LYS HXT  H  N N 210 
MET N    N  N N 211 
MET CA   C  N S 212 
MET C    C  N N 213 
MET O    O  N N 214 
MET CB   C  N N 215 
MET CG   C  N N 216 
MET SD   S  N N 217 
MET CE   C  N N 218 
MET OXT  O  N N 219 
MET H    H  N N 220 
MET H2   H  N N 221 
MET HA   H  N N 222 
MET HB2  H  N N 223 
MET HB3  H  N N 224 
MET HG2  H  N N 225 
MET HG3  H  N N 226 
MET HE1  H  N N 227 
MET HE2  H  N N 228 
MET HE3  H  N N 229 
MET HXT  H  N N 230 
PHE N    N  N N 231 
PHE CA   C  N S 232 
PHE C    C  N N 233 
PHE O    O  N N 234 
PHE CB   C  N N 235 
PHE CG   C  Y N 236 
PHE CD1  C  Y N 237 
PHE CD2  C  Y N 238 
PHE CE1  C  Y N 239 
PHE CE2  C  Y N 240 
PHE CZ   C  Y N 241 
PHE OXT  O  N N 242 
PHE H    H  N N 243 
PHE H2   H  N N 244 
PHE HA   H  N N 245 
PHE HB2  H  N N 246 
PHE HB3  H  N N 247 
PHE HD1  H  N N 248 
PHE HD2  H  N N 249 
PHE HE1  H  N N 250 
PHE HE2  H  N N 251 
PHE HZ   H  N N 252 
PHE HXT  H  N N 253 
PRO N    N  N N 254 
PRO CA   C  N S 255 
PRO C    C  N N 256 
PRO O    O  N N 257 
PRO CB   C  N N 258 
PRO CG   C  N N 259 
PRO CD   C  N N 260 
PRO OXT  O  N N 261 
PRO H    H  N N 262 
PRO HA   H  N N 263 
PRO HB2  H  N N 264 
PRO HB3  H  N N 265 
PRO HG2  H  N N 266 
PRO HG3  H  N N 267 
PRO HD2  H  N N 268 
PRO HD3  H  N N 269 
PRO HXT  H  N N 270 
SER N    N  N N 271 
SER CA   C  N S 272 
SER C    C  N N 273 
SER O    O  N N 274 
SER CB   C  N N 275 
SER OG   O  N N 276 
SER OXT  O  N N 277 
SER H    H  N N 278 
SER H2   H  N N 279 
SER HA   H  N N 280 
SER HB2  H  N N 281 
SER HB3  H  N N 282 
SER HG   H  N N 283 
SER HXT  H  N N 284 
THR N    N  N N 285 
THR CA   C  N S 286 
THR C    C  N N 287 
THR O    O  N N 288 
THR CB   C  N R 289 
THR OG1  O  N N 290 
THR CG2  C  N N 291 
THR OXT  O  N N 292 
THR H    H  N N 293 
THR H2   H  N N 294 
THR HA   H  N N 295 
THR HB   H  N N 296 
THR HG1  H  N N 297 
THR HG21 H  N N 298 
THR HG22 H  N N 299 
THR HG23 H  N N 300 
THR HXT  H  N N 301 
TRP N    N  N N 302 
TRP CA   C  N S 303 
TRP C    C  N N 304 
TRP O    O  N N 305 
TRP CB   C  N N 306 
TRP CG   C  Y N 307 
TRP CD1  C  Y N 308 
TRP CD2  C  Y N 309 
TRP NE1  N  Y N 310 
TRP CE2  C  Y N 311 
TRP CE3  C  Y N 312 
TRP CZ2  C  Y N 313 
TRP CZ3  C  Y N 314 
TRP CH2  C  Y N 315 
TRP OXT  O  N N 316 
TRP H    H  N N 317 
TRP H2   H  N N 318 
TRP HA   H  N N 319 
TRP HB2  H  N N 320 
TRP HB3  H  N N 321 
TRP HD1  H  N N 322 
TRP HE1  H  N N 323 
TRP HE3  H  N N 324 
TRP HZ2  H  N N 325 
TRP HZ3  H  N N 326 
TRP HH2  H  N N 327 
TRP HXT  H  N N 328 
VAL N    N  N N 329 
VAL CA   C  N S 330 
VAL C    C  N N 331 
VAL O    O  N N 332 
VAL CB   C  N N 333 
VAL CG1  C  N N 334 
VAL CG2  C  N N 335 
VAL OXT  O  N N 336 
VAL H    H  N N 337 
VAL H2   H  N N 338 
VAL HA   H  N N 339 
VAL HB   H  N N 340 
VAL HG11 H  N N 341 
VAL HG12 H  N N 342 
VAL HG13 H  N N 343 
VAL HG21 H  N N 344 
VAL HG22 H  N N 345 
VAL HG23 H  N N 346 
VAL HXT  H  N N 347 
ZN  ZN   ZN N N 348 
# 
loop_
_chem_comp_bond.comp_id 
_chem_comp_bond.atom_id_1 
_chem_comp_bond.atom_id_2 
_chem_comp_bond.value_order 
_chem_comp_bond.pdbx_aromatic_flag 
_chem_comp_bond.pdbx_stereo_config 
_chem_comp_bond.pdbx_ordinal 
ALA N   CA   sing N N 1   
ALA N   H    sing N N 2   
ALA N   H2   sing N N 3   
ALA CA  C    sing N N 4   
ALA CA  CB   sing N N 5   
ALA CA  HA   sing N N 6   
ALA C   O    doub N N 7   
ALA C   OXT  sing N N 8   
ALA CB  HB1  sing N N 9   
ALA CB  HB2  sing N N 10  
ALA CB  HB3  sing N N 11  
ALA OXT HXT  sing N N 12  
ARG N   CA   sing N N 13  
ARG N   H    sing N N 14  
ARG N   H2   sing N N 15  
ARG CA  C    sing N N 16  
ARG CA  CB   sing N N 17  
ARG CA  HA   sing N N 18  
ARG C   O    doub N N 19  
ARG C   OXT  sing N N 20  
ARG CB  CG   sing N N 21  
ARG CB  HB2  sing N N 22  
ARG CB  HB3  sing N N 23  
ARG CG  CD   sing N N 24  
ARG CG  HG2  sing N N 25  
ARG CG  HG3  sing N N 26  
ARG CD  NE   sing N N 27  
ARG CD  HD2  sing N N 28  
ARG CD  HD3  sing N N 29  
ARG NE  CZ   sing N N 30  
ARG NE  HE   sing N N 31  
ARG CZ  NH1  sing N N 32  
ARG CZ  NH2  doub N N 33  
ARG NH1 HH11 sing N N 34  
ARG NH1 HH12 sing N N 35  
ARG NH2 HH21 sing N N 36  
ARG NH2 HH22 sing N N 37  
ARG OXT HXT  sing N N 38  
ASN N   CA   sing N N 39  
ASN N   H    sing N N 40  
ASN N   H2   sing N N 41  
ASN CA  C    sing N N 42  
ASN CA  CB   sing N N 43  
ASN CA  HA   sing N N 44  
ASN C   O    doub N N 45  
ASN C   OXT  sing N N 46  
ASN CB  CG   sing N N 47  
ASN CB  HB2  sing N N 48  
ASN CB  HB3  sing N N 49  
ASN CG  OD1  doub N N 50  
ASN CG  ND2  sing N N 51  
ASN ND2 HD21 sing N N 52  
ASN ND2 HD22 sing N N 53  
ASN OXT HXT  sing N N 54  
CYS N   CA   sing N N 55  
CYS N   H    sing N N 56  
CYS N   H2   sing N N 57  
CYS CA  C    sing N N 58  
CYS CA  CB   sing N N 59  
CYS CA  HA   sing N N 60  
CYS C   O    doub N N 61  
CYS C   OXT  sing N N 62  
CYS CB  SG   sing N N 63  
CYS CB  HB2  sing N N 64  
CYS CB  HB3  sing N N 65  
CYS SG  HG   sing N N 66  
CYS OXT HXT  sing N N 67  
GLN N   CA   sing N N 68  
GLN N   H    sing N N 69  
GLN N   H2   sing N N 70  
GLN CA  C    sing N N 71  
GLN CA  CB   sing N N 72  
GLN CA  HA   sing N N 73  
GLN C   O    doub N N 74  
GLN C   OXT  sing N N 75  
GLN CB  CG   sing N N 76  
GLN CB  HB2  sing N N 77  
GLN CB  HB3  sing N N 78  
GLN CG  CD   sing N N 79  
GLN CG  HG2  sing N N 80  
GLN CG  HG3  sing N N 81  
GLN CD  OE1  doub N N 82  
GLN CD  NE2  sing N N 83  
GLN NE2 HE21 sing N N 84  
GLN NE2 HE22 sing N N 85  
GLN OXT HXT  sing N N 86  
GLU N   CA   sing N N 87  
GLU N   H    sing N N 88  
GLU N   H2   sing N N 89  
GLU CA  C    sing N N 90  
GLU CA  CB   sing N N 91  
GLU CA  HA   sing N N 92  
GLU C   O    doub N N 93  
GLU C   OXT  sing N N 94  
GLU CB  CG   sing N N 95  
GLU CB  HB2  sing N N 96  
GLU CB  HB3  sing N N 97  
GLU CG  CD   sing N N 98  
GLU CG  HG2  sing N N 99  
GLU CG  HG3  sing N N 100 
GLU CD  OE1  doub N N 101 
GLU CD  OE2  sing N N 102 
GLU OE2 HE2  sing N N 103 
GLU OXT HXT  sing N N 104 
GLY N   CA   sing N N 105 
GLY N   H    sing N N 106 
GLY N   H2   sing N N 107 
GLY CA  C    sing N N 108 
GLY CA  HA2  sing N N 109 
GLY CA  HA3  sing N N 110 
GLY C   O    doub N N 111 
GLY C   OXT  sing N N 112 
GLY OXT HXT  sing N N 113 
HIS N   CA   sing N N 114 
HIS N   H    sing N N 115 
HIS N   H2   sing N N 116 
HIS CA  C    sing N N 117 
HIS CA  CB   sing N N 118 
HIS CA  HA   sing N N 119 
HIS C   O    doub N N 120 
HIS C   OXT  sing N N 121 
HIS CB  CG   sing N N 122 
HIS CB  HB2  sing N N 123 
HIS CB  HB3  sing N N 124 
HIS CG  ND1  sing Y N 125 
HIS CG  CD2  doub Y N 126 
HIS ND1 CE1  doub Y N 127 
HIS ND1 HD1  sing N N 128 
HIS CD2 NE2  sing Y N 129 
HIS CD2 HD2  sing N N 130 
HIS CE1 NE2  sing Y N 131 
HIS CE1 HE1  sing N N 132 
HIS NE2 HE2  sing N N 133 
HIS OXT HXT  sing N N 134 
ILE N   CA   sing N N 135 
ILE N   H    sing N N 136 
ILE N   H2   sing N N 137 
ILE CA  C    sing N N 138 
ILE CA  CB   sing N N 139 
ILE CA  HA   sing N N 140 
ILE C   O    doub N N 141 
ILE C   OXT  sing N N 142 
ILE CB  CG1  sing N N 143 
ILE CB  CG2  sing N N 144 
ILE CB  HB   sing N N 145 
ILE CG1 CD1  sing N N 146 
ILE CG1 HG12 sing N N 147 
ILE CG1 HG13 sing N N 148 
ILE CG2 HG21 sing N N 149 
ILE CG2 HG22 sing N N 150 
ILE CG2 HG23 sing N N 151 
ILE CD1 HD11 sing N N 152 
ILE CD1 HD12 sing N N 153 
ILE CD1 HD13 sing N N 154 
ILE OXT HXT  sing N N 155 
LEU N   CA   sing N N 156 
LEU N   H    sing N N 157 
LEU N   H2   sing N N 158 
LEU CA  C    sing N N 159 
LEU CA  CB   sing N N 160 
LEU CA  HA   sing N N 161 
LEU C   O    doub N N 162 
LEU C   OXT  sing N N 163 
LEU CB  CG   sing N N 164 
LEU CB  HB2  sing N N 165 
LEU CB  HB3  sing N N 166 
LEU CG  CD1  sing N N 167 
LEU CG  CD2  sing N N 168 
LEU CG  HG   sing N N 169 
LEU CD1 HD11 sing N N 170 
LEU CD1 HD12 sing N N 171 
LEU CD1 HD13 sing N N 172 
LEU CD2 HD21 sing N N 173 
LEU CD2 HD22 sing N N 174 
LEU CD2 HD23 sing N N 175 
LEU OXT HXT  sing N N 176 
LYS N   CA   sing N N 177 
LYS N   H    sing N N 178 
LYS N   H2   sing N N 179 
LYS CA  C    sing N N 180 
LYS CA  CB   sing N N 181 
LYS CA  HA   sing N N 182 
LYS C   O    doub N N 183 
LYS C   OXT  sing N N 184 
LYS CB  CG   sing N N 185 
LYS CB  HB2  sing N N 186 
LYS CB  HB3  sing N N 187 
LYS CG  CD   sing N N 188 
LYS CG  HG2  sing N N 189 
LYS CG  HG3  sing N N 190 
LYS CD  CE   sing N N 191 
LYS CD  HD2  sing N N 192 
LYS CD  HD3  sing N N 193 
LYS CE  NZ   sing N N 194 
LYS CE  HE2  sing N N 195 
LYS CE  HE3  sing N N 196 
LYS NZ  HZ1  sing N N 197 
LYS NZ  HZ2  sing N N 198 
LYS NZ  HZ3  sing N N 199 
LYS OXT HXT  sing N N 200 
MET N   CA   sing N N 201 
MET N   H    sing N N 202 
MET N   H2   sing N N 203 
MET CA  C    sing N N 204 
MET CA  CB   sing N N 205 
MET CA  HA   sing N N 206 
MET C   O    doub N N 207 
MET C   OXT  sing N N 208 
MET CB  CG   sing N N 209 
MET CB  HB2  sing N N 210 
MET CB  HB3  sing N N 211 
MET CG  SD   sing N N 212 
MET CG  HG2  sing N N 213 
MET CG  HG3  sing N N 214 
MET SD  CE   sing N N 215 
MET CE  HE1  sing N N 216 
MET CE  HE2  sing N N 217 
MET CE  HE3  sing N N 218 
MET OXT HXT  sing N N 219 
PHE N   CA   sing N N 220 
PHE N   H    sing N N 221 
PHE N   H2   sing N N 222 
PHE CA  C    sing N N 223 
PHE CA  CB   sing N N 224 
PHE CA  HA   sing N N 225 
PHE C   O    doub N N 226 
PHE C   OXT  sing N N 227 
PHE CB  CG   sing N N 228 
PHE CB  HB2  sing N N 229 
PHE CB  HB3  sing N N 230 
PHE CG  CD1  doub Y N 231 
PHE CG  CD2  sing Y N 232 
PHE CD1 CE1  sing Y N 233 
PHE CD1 HD1  sing N N 234 
PHE CD2 CE2  doub Y N 235 
PHE CD2 HD2  sing N N 236 
PHE CE1 CZ   doub Y N 237 
PHE CE1 HE1  sing N N 238 
PHE CE2 CZ   sing Y N 239 
PHE CE2 HE2  sing N N 240 
PHE CZ  HZ   sing N N 241 
PHE OXT HXT  sing N N 242 
PRO N   CA   sing N N 243 
PRO N   CD   sing N N 244 
PRO N   H    sing N N 245 
PRO CA  C    sing N N 246 
PRO CA  CB   sing N N 247 
PRO CA  HA   sing N N 248 
PRO C   O    doub N N 249 
PRO C   OXT  sing N N 250 
PRO CB  CG   sing N N 251 
PRO CB  HB2  sing N N 252 
PRO CB  HB3  sing N N 253 
PRO CG  CD   sing N N 254 
PRO CG  HG2  sing N N 255 
PRO CG  HG3  sing N N 256 
PRO CD  HD2  sing N N 257 
PRO CD  HD3  sing N N 258 
PRO OXT HXT  sing N N 259 
SER N   CA   sing N N 260 
SER N   H    sing N N 261 
SER N   H2   sing N N 262 
SER CA  C    sing N N 263 
SER CA  CB   sing N N 264 
SER CA  HA   sing N N 265 
SER C   O    doub N N 266 
SER C   OXT  sing N N 267 
SER CB  OG   sing N N 268 
SER CB  HB2  sing N N 269 
SER CB  HB3  sing N N 270 
SER OG  HG   sing N N 271 
SER OXT HXT  sing N N 272 
THR N   CA   sing N N 273 
THR N   H    sing N N 274 
THR N   H2   sing N N 275 
THR CA  C    sing N N 276 
THR CA  CB   sing N N 277 
THR CA  HA   sing N N 278 
THR C   O    doub N N 279 
THR C   OXT  sing N N 280 
THR CB  OG1  sing N N 281 
THR CB  CG2  sing N N 282 
THR CB  HB   sing N N 283 
THR OG1 HG1  sing N N 284 
THR CG2 HG21 sing N N 285 
THR CG2 HG22 sing N N 286 
THR CG2 HG23 sing N N 287 
THR OXT HXT  sing N N 288 
TRP N   CA   sing N N 289 
TRP N   H    sing N N 290 
TRP N   H2   sing N N 291 
TRP CA  C    sing N N 292 
TRP CA  CB   sing N N 293 
TRP CA  HA   sing N N 294 
TRP C   O    doub N N 295 
TRP C   OXT  sing N N 296 
TRP CB  CG   sing N N 297 
TRP CB  HB2  sing N N 298 
TRP CB  HB3  sing N N 299 
TRP CG  CD1  doub Y N 300 
TRP CG  CD2  sing Y N 301 
TRP CD1 NE1  sing Y N 302 
TRP CD1 HD1  sing N N 303 
TRP CD2 CE2  doub Y N 304 
TRP CD2 CE3  sing Y N 305 
TRP NE1 CE2  sing Y N 306 
TRP NE1 HE1  sing N N 307 
TRP CE2 CZ2  sing Y N 308 
TRP CE3 CZ3  doub Y N 309 
TRP CE3 HE3  sing N N 310 
TRP CZ2 CH2  doub Y N 311 
TRP CZ2 HZ2  sing N N 312 
TRP CZ3 CH2  sing Y N 313 
TRP CZ3 HZ3  sing N N 314 
TRP CH2 HH2  sing N N 315 
TRP OXT HXT  sing N N 316 
VAL N   CA   sing N N 317 
VAL N   H    sing N N 318 
VAL N   H2   sing N N 319 
VAL CA  C    sing N N 320 
VAL CA  CB   sing N N 321 
VAL CA  HA   sing N N 322 
VAL C   O    doub N N 323 
VAL C   OXT  sing N N 324 
VAL CB  CG1  sing N N 325 
VAL CB  CG2  sing N N 326 
VAL CB  HB   sing N N 327 
VAL CG1 HG11 sing N N 328 
VAL CG1 HG12 sing N N 329 
VAL CG1 HG13 sing N N 330 
VAL CG2 HG21 sing N N 331 
VAL CG2 HG22 sing N N 332 
VAL CG2 HG23 sing N N 333 
VAL OXT HXT  sing N N 334 
# 
loop_
_pdbx_nmr_spectrometer.spectrometer_id 
_pdbx_nmr_spectrometer.type 
_pdbx_nmr_spectrometer.manufacturer 
_pdbx_nmr_spectrometer.model 
_pdbx_nmr_spectrometer.field_strength 
1 ? Varian UNITYPLUS 500 
2 ? Varian UNITYPLUS 600 
# 
_atom_sites.entry_id                    1KBE 
_atom_sites.fract_transf_matrix[1][1]   1.000000 
_atom_sites.fract_transf_matrix[1][2]   0.000000 
_atom_sites.fract_transf_matrix[1][3]   0.000000 
_atom_sites.fract_transf_matrix[2][1]   0.000000 
_atom_sites.fract_transf_matrix[2][2]   1.000000 
_atom_sites.fract_transf_matrix[2][3]   0.000000 
_atom_sites.fract_transf_matrix[3][1]   0.000000 
_atom_sites.fract_transf_matrix[3][2]   0.000000 
_atom_sites.fract_transf_matrix[3][3]   1.000000 
_atom_sites.fract_transf_vector[1]      0.00000 
_atom_sites.fract_transf_vector[2]      0.00000 
_atom_sites.fract_transf_vector[3]      0.00000 
# 
loop_
_atom_type.symbol 
C  
H  
N  
O  
S  
ZN 
# 
loop_
_atom_site.group_PDB 
_atom_site.id 
_atom_site.type_symbol 
_atom_site.label_atom_id 
_atom_site.label_alt_id 
_atom_site.label_comp_id 
_atom_site.label_asym_id 
_atom_site.label_entity_id 
_atom_site.label_seq_id 
_atom_site.pdbx_PDB_ins_code 
_atom_site.Cartn_x 
_atom_site.Cartn_y 
_atom_site.Cartn_z 
_atom_site.occupancy 
_atom_site.B_iso_or_equiv 
_atom_site.pdbx_formal_charge 
_atom_site.auth_seq_id 
_atom_site.auth_comp_id 
_atom_site.auth_asym_id 
_atom_site.auth_atom_id 
_atom_site.pdbx_PDB_model_num 
ATOM   1   N  N    . GLY A 1 1  ? -19.771 2.318   -13.229 1.00 0.00 ? 330 GLY A N    1 
ATOM   2   C  CA   . GLY A 1 1  ? -18.526 1.738   -13.803 1.00 0.00 ? 330 GLY A CA   1 
ATOM   3   C  C    . GLY A 1 1  ? -17.837 0.783   -12.848 1.00 0.00 ? 330 GLY A C    1 
ATOM   4   O  O    . GLY A 1 1  ? -18.242 -0.372  -12.714 1.00 0.00 ? 330 GLY A O    1 
ATOM   5   H  H1   . GLY A 1 1  ? -19.859 3.317   -13.502 1.00 0.00 ? 330 GLY A H1   1 
ATOM   6   H  H2   . GLY A 1 1  ? -19.750 2.254   -12.191 1.00 0.00 ? 330 GLY A H2   1 
ATOM   7   H  H3   . GLY A 1 1  ? -20.601 1.799   -13.580 1.00 0.00 ? 330 GLY A H3   1 
ATOM   8   H  HA2  . GLY A 1 1  ? -18.775 1.205   -14.710 1.00 0.00 ? 330 GLY A HA2  1 
ATOM   9   H  HA3  . GLY A 1 1  ? -17.846 2.541   -14.045 1.00 0.00 ? 330 GLY A HA3  1 
ATOM   10  N  N    . SER A 1 2  ? -16.792 1.265   -12.184 1.00 0.00 ? 331 SER A N    1 
ATOM   11  C  CA   . SER A 1 2  ? -16.045 0.445   -11.236 1.00 0.00 ? 331 SER A CA   1 
ATOM   12  C  C    . SER A 1 2  ? -15.396 1.312   -10.162 1.00 0.00 ? 331 SER A C    1 
ATOM   13  O  O    . SER A 1 2  ? -14.709 2.287   -10.467 1.00 0.00 ? 331 SER A O    1 
ATOM   14  C  CB   . SER A 1 2  ? -14.975 -0.368  -11.966 1.00 0.00 ? 331 SER A CB   1 
ATOM   15  O  OG   . SER A 1 2  ? -15.421 -0.759  -13.254 1.00 0.00 ? 331 SER A OG   1 
ATOM   16  H  H    . SER A 1 2  ? -16.517 2.193   -12.334 1.00 0.00 ? 331 SER A H    1 
ATOM   17  H  HA   . SER A 1 2  ? -16.740 -0.232  -10.764 1.00 0.00 ? 331 SER A HA   1 
ATOM   18  H  HB2  . SER A 1 2  ? -14.083 0.231   -12.075 1.00 0.00 ? 331 SER A HB2  1 
ATOM   19  H  HB3  . SER A 1 2  ? -14.746 -1.254  -11.393 1.00 0.00 ? 331 SER A HB3  1 
ATOM   20  H  HG   . SER A 1 2  ? -15.378 -1.715  -13.331 1.00 0.00 ? 331 SER A HG   1 
ATOM   21  N  N    . VAL A 1 3  ? -15.620 0.951   -8.902  1.00 0.00 ? 332 VAL A N    1 
ATOM   22  C  CA   . VAL A 1 3  ? -15.058 1.694   -7.782  1.00 0.00 ? 332 VAL A CA   1 
ATOM   23  C  C    . VAL A 1 3  ? -13.814 1.003   -7.232  1.00 0.00 ? 332 VAL A C    1 
ATOM   24  O  O    . VAL A 1 3  ? -13.524 1.083   -6.038  1.00 0.00 ? 332 VAL A O    1 
ATOM   25  C  CB   . VAL A 1 3  ? -16.083 1.861   -6.646  1.00 0.00 ? 332 VAL A CB   1 
ATOM   26  C  CG1  . VAL A 1 3  ? -17.249 2.727   -7.100  1.00 0.00 ? 332 VAL A CG1  1 
ATOM   27  C  CG2  . VAL A 1 3  ? -16.573 0.503   -6.166  1.00 0.00 ? 332 VAL A CG2  1 
ATOM   28  H  H    . VAL A 1 3  ? -16.177 0.164   -8.723  1.00 0.00 ? 332 VAL A H    1 
ATOM   29  H  HA   . VAL A 1 3  ? -14.783 2.677   -8.139  1.00 0.00 ? 332 VAL A HA   1 
ATOM   30  H  HB   . VAL A 1 3  ? -15.597 2.357   -5.819  1.00 0.00 ? 332 VAL A HB   1 
ATOM   31  H  HG11 . VAL A 1 3  ? -17.946 2.125   -7.665  1.00 0.00 ? 332 VAL A HG11 1 
ATOM   32  H  HG12 . VAL A 1 3  ? -16.879 3.529   -7.722  1.00 0.00 ? 332 VAL A HG12 1 
ATOM   33  H  HG13 . VAL A 1 3  ? -17.748 3.141   -6.236  1.00 0.00 ? 332 VAL A HG13 1 
ATOM   34  H  HG21 . VAL A 1 3  ? -17.381 0.168   -6.800  1.00 0.00 ? 332 VAL A HG21 1 
ATOM   35  H  HG22 . VAL A 1 3  ? -16.925 0.587   -5.148  1.00 0.00 ? 332 VAL A HG22 1 
ATOM   36  H  HG23 . VAL A 1 3  ? -15.762 -0.208  -6.209  1.00 0.00 ? 332 VAL A HG23 1 
ATOM   37  N  N    . THR A 1 4  ? -13.084 0.323   -8.110  1.00 0.00 ? 333 THR A N    1 
ATOM   38  C  CA   . THR A 1 4  ? -11.872 -0.383  -7.712  1.00 0.00 ? 333 THR A CA   1 
ATOM   39  C  C    . THR A 1 4  ? -10.630 0.444   -8.031  1.00 0.00 ? 333 THR A C    1 
ATOM   40  O  O    . THR A 1 4  ? -10.355 0.747   -9.192  1.00 0.00 ? 333 THR A O    1 
ATOM   41  C  CB   . THR A 1 4  ? -11.791 -1.738  -8.418  1.00 0.00 ? 333 THR A CB   1 
ATOM   42  O  OG1  . THR A 1 4  ? -11.977 -1.588  -9.814  1.00 0.00 ? 333 THR A OG1  1 
ATOM   43  C  CG2  . THR A 1 4  ? -12.818 -2.732  -7.921  1.00 0.00 ? 333 THR A CG2  1 
ATOM   44  H  H    . THR A 1 4  ? -13.366 0.296   -9.048  1.00 0.00 ? 333 THR A H    1 
ATOM   45  H  HA   . THR A 1 4  ? -11.919 -0.545  -6.645  1.00 0.00 ? 333 THR A HA   1 
ATOM   46  H  HB   . THR A 1 4  ? -10.812 -2.162  -8.249  1.00 0.00 ? 333 THR A HB   1 
ATOM   47  H  HG1  . THR A 1 4  ? -11.313 -2.099  -10.281 1.00 0.00 ? 333 THR A HG1  1 
ATOM   48  H  HG21 . THR A 1 4  ? -13.412 -2.278  -7.142  1.00 0.00 ? 333 THR A HG21 1 
ATOM   49  H  HG22 . THR A 1 4  ? -12.315 -3.604  -7.529  1.00 0.00 ? 333 THR A HG22 1 
ATOM   50  H  HG23 . THR A 1 4  ? -13.460 -3.025  -8.739  1.00 0.00 ? 333 THR A HG23 1 
ATOM   51  N  N    . HIS A 1 5  ? -9.885  0.807   -6.992  1.00 0.00 ? 334 HIS A N    1 
ATOM   52  C  CA   . HIS A 1 5  ? -8.672  1.599   -7.162  1.00 0.00 ? 334 HIS A CA   1 
ATOM   53  C  C    . HIS A 1 5  ? -7.510  0.712   -7.596  1.00 0.00 ? 334 HIS A C    1 
ATOM   54  O  O    . HIS A 1 5  ? -7.384  -0.427  -7.144  1.00 0.00 ? 334 HIS A O    1 
ATOM   55  C  CB   . HIS A 1 5  ? -8.323  2.329   -5.858  1.00 0.00 ? 334 HIS A CB   1 
ATOM   56  C  CG   . HIS A 1 5  ? -9.515  2.907   -5.157  1.00 0.00 ? 334 HIS A CG   1 
ATOM   57  N  ND1  . HIS A 1 5  ? -9.436  3.384   -3.869  1.00 0.00 ? 334 HIS A ND1  1 
ATOM   58  C  CD2  . HIS A 1 5  ? -10.788 3.048   -5.603  1.00 0.00 ? 334 HIS A CD2  1 
ATOM   59  C  CE1  . HIS A 1 5  ? -10.655 3.796   -3.563  1.00 0.00 ? 334 HIS A CE1  1 
ATOM   60  N  NE2  . HIS A 1 5  ? -11.506 3.613   -4.582  1.00 0.00 ? 334 HIS A NE2  1 
ATOM   61  H  H    . HIS A 1 5  ? -10.157 0.535   -6.091  1.00 0.00 ? 334 HIS A H    1 
ATOM   62  H  HA   . HIS A 1 5  ? -8.859  2.330   -7.934  1.00 0.00 ? 334 HIS A HA   1 
ATOM   63  H  HB2  . HIS A 1 5  ? -7.846  1.636   -5.182  1.00 0.00 ? 334 HIS A HB2  1 
ATOM   64  H  HB3  . HIS A 1 5  ? -7.641  3.137   -6.078  1.00 0.00 ? 334 HIS A HB3  1 
ATOM   65  H  HD2  . HIS A 1 5  ? -11.168 2.768   -6.574  1.00 0.00 ? 334 HIS A HD2  1 
ATOM   66  H  HE1  . HIS A 1 5  ? -10.933 4.220   -2.611  1.00 0.00 ? 334 HIS A HE1  1 
ATOM   67  H  HE2  . HIS A 1 5  ? -12.407 3.992   -4.656  1.00 0.00 ? 334 HIS A HE2  1 
ATOM   68  N  N    . ARG A 1 6  ? -6.666  1.234   -8.480  1.00 0.00 ? 335 ARG A N    1 
ATOM   69  C  CA   . ARG A 1 6  ? -5.520  0.481   -8.978  1.00 0.00 ? 335 ARG A CA   1 
ATOM   70  C  C    . ARG A 1 6  ? -4.271  0.787   -8.162  1.00 0.00 ? 335 ARG A C    1 
ATOM   71  O  O    . ARG A 1 6  ? -3.899  1.947   -7.982  1.00 0.00 ? 335 ARG A O    1 
ATOM   72  C  CB   . ARG A 1 6  ? -5.274  0.801   -10.453 1.00 0.00 ? 335 ARG A CB   1 
ATOM   73  C  CG   . ARG A 1 6  ? -4.059  0.097   -11.038 1.00 0.00 ? 335 ARG A CG   1 
ATOM   74  C  CD   . ARG A 1 6  ? -4.128  0.036   -12.556 1.00 0.00 ? 335 ARG A CD   1 
ATOM   75  N  NE   . ARG A 1 6  ? -2.815  0.223   -13.170 1.00 0.00 ? 335 ARG A NE   1 
ATOM   76  C  CZ   . ARG A 1 6  ? -2.216  1.405   -13.294 1.00 0.00 ? 335 ARG A CZ   1 
ATOM   77  N  NH1  . ARG A 1 6  ? -2.807  2.507   -12.847 1.00 0.00 ? 335 ARG A NH1  1 
ATOM   78  N  NH2  . ARG A 1 6  ? -1.023  1.486   -13.866 1.00 0.00 ? 335 ARG A NH2  1 
ATOM   79  H  H    . ARG A 1 6  ? -6.821  2.145   -8.809  1.00 0.00 ? 335 ARG A H    1 
ATOM   80  H  HA   . ARG A 1 6  ? -5.749  -0.570  -8.882  1.00 0.00 ? 335 ARG A HA   1 
ATOM   81  H  HB2  . ARG A 1 6  ? -6.141  0.504   -11.022 1.00 0.00 ? 335 ARG A HB2  1 
ATOM   82  H  HB3  . ARG A 1 6  ? -5.131  1.867   -10.560 1.00 0.00 ? 335 ARG A HB3  1 
ATOM   83  H  HG2  . ARG A 1 6  ? -3.169  0.635   -10.749 1.00 0.00 ? 335 ARG A HG2  1 
ATOM   84  H  HG3  . ARG A 1 6  ? -4.017  -0.909  -10.647 1.00 0.00 ? 335 ARG A HG3  1 
ATOM   85  H  HD2  . ARG A 1 6  ? -4.516  -0.928  -12.847 1.00 0.00 ? 335 ARG A HD2  1 
ATOM   86  H  HD3  . ARG A 1 6  ? -4.792  0.813   -12.904 1.00 0.00 ? 335 ARG A HD3  1 
ATOM   87  H  HE   . ARG A 1 6  ? -2.357  -0.574  -13.509 1.00 0.00 ? 335 ARG A HE   1 
ATOM   88  H  HH11 . ARG A 1 6  ? -3.707  2.452   -12.415 1.00 0.00 ? 335 ARG A HH11 1 
ATOM   89  H  HH12 . ARG A 1 6  ? -2.351  3.391   -12.943 1.00 0.00 ? 335 ARG A HH12 1 
ATOM   90  H  HH21 . ARG A 1 6  ? -0.573  0.660   -14.204 1.00 0.00 ? 335 ARG A HH21 1 
ATOM   91  H  HH22 . ARG A 1 6  ? -0.572  2.374   -13.960 1.00 0.00 ? 335 ARG A HH22 1 
ATOM   92  N  N    . PHE A 1 7  ? -3.631  -0.265  -7.664  1.00 0.00 ? 336 PHE A N    1 
ATOM   93  C  CA   . PHE A 1 7  ? -2.439  -0.135  -6.866  1.00 0.00 ? 336 PHE A CA   1 
ATOM   94  C  C    . PHE A 1 7  ? -1.180  -0.259  -7.725  1.00 0.00 ? 336 PHE A C    1 
ATOM   95  O  O    . PHE A 1 7  ? -1.204  -0.863  -8.797  1.00 0.00 ? 336 PHE A O    1 
ATOM   96  C  CB   . PHE A 1 7  ? -2.465  -1.220  -5.799  1.00 0.00 ? 336 PHE A CB   1 
ATOM   97  C  CG   . PHE A 1 7  ? -2.789  -0.715  -4.423  1.00 0.00 ? 336 PHE A CG   1 
ATOM   98  C  CD1  . PHE A 1 7  ? -2.049  0.307   -3.856  1.00 0.00 ? 336 PHE A CD1  1 
ATOM   99  C  CD2  . PHE A 1 7  ? -3.835  -1.263  -3.698  1.00 0.00 ? 336 PHE A CD2  1 
ATOM   100 C  CE1  . PHE A 1 7  ? -2.343  0.775   -2.590  1.00 0.00 ? 336 PHE A CE1  1 
ATOM   101 C  CE2  . PHE A 1 7  ? -4.135  -0.801  -2.431  1.00 0.00 ? 336 PHE A CE2  1 
ATOM   102 C  CZ   . PHE A 1 7  ? -3.388  0.220   -1.877  1.00 0.00 ? 336 PHE A CZ   1 
ATOM   103 H  H    . PHE A 1 7  ? -3.971  -1.164  -7.830  1.00 0.00 ? 336 PHE A H    1 
ATOM   104 H  HA   . PHE A 1 7  ? -2.457  0.834   -6.389  1.00 0.00 ? 336 PHE A HA   1 
ATOM   105 H  HB2  . PHE A 1 7  ? -3.219  -1.945  -6.063  1.00 0.00 ? 336 PHE A HB2  1 
ATOM   106 H  HB3  . PHE A 1 7  ? -1.517  -1.704  -5.774  1.00 0.00 ? 336 PHE A HB3  1 
ATOM   107 H  HD1  . PHE A 1 7  ? -1.231  0.740   -4.413  1.00 0.00 ? 336 PHE A HD1  1 
ATOM   108 H  HD2  . PHE A 1 7  ? -4.419  -2.062  -4.131  1.00 0.00 ? 336 PHE A HD2  1 
ATOM   109 H  HE1  . PHE A 1 7  ? -1.758  1.572   -2.158  1.00 0.00 ? 336 PHE A HE1  1 
ATOM   110 H  HE2  . PHE A 1 7  ? -4.953  -1.236  -1.876  1.00 0.00 ? 336 PHE A HE2  1 
ATOM   111 H  HZ   . PHE A 1 7  ? -3.620  0.583   -0.887  1.00 0.00 ? 336 PHE A HZ   1 
ATOM   112 N  N    . SER A 1 8  ? -0.081  0.313   -7.241  1.00 0.00 ? 337 SER A N    1 
ATOM   113 C  CA   . SER A 1 8  ? 1.192   0.265   -7.956  1.00 0.00 ? 337 SER A CA   1 
ATOM   114 C  C    . SER A 1 8  ? 2.295   -0.267  -7.046  1.00 0.00 ? 337 SER A C    1 
ATOM   115 O  O    . SER A 1 8  ? 2.106   -0.379  -5.837  1.00 0.00 ? 337 SER A O    1 
ATOM   116 C  CB   . SER A 1 8  ? 1.566   1.655   -8.473  1.00 0.00 ? 337 SER A CB   1 
ATOM   117 O  OG   . SER A 1 8  ? 0.410   2.398   -8.820  1.00 0.00 ? 337 SER A OG   1 
ATOM   118 H  H    . SER A 1 8  ? -0.125  0.777   -6.377  1.00 0.00 ? 337 SER A H    1 
ATOM   119 H  HA   . SER A 1 8  ? 1.078   -0.406  -8.794  1.00 0.00 ? 337 SER A HA   1 
ATOM   120 H  HB2  . SER A 1 8  ? 2.103   2.190   -7.705  1.00 0.00 ? 337 SER A HB2  1 
ATOM   121 H  HB3  . SER A 1 8  ? 2.191   1.555   -9.348  1.00 0.00 ? 337 SER A HB3  1 
ATOM   122 H  HG   . SER A 1 8  ? -0.141  1.877   -9.410  1.00 0.00 ? 337 SER A HG   1 
ATOM   123 N  N    . THR A 1 9  ? 3.446   -0.599  -7.626  1.00 0.00 ? 338 THR A N    1 
ATOM   124 C  CA   . THR A 1 9  ? 4.563   -1.121  -6.843  1.00 0.00 ? 338 THR A CA   1 
ATOM   125 C  C    . THR A 1 9  ? 5.678   -0.090  -6.704  1.00 0.00 ? 338 THR A C    1 
ATOM   126 O  O    . THR A 1 9  ? 6.006   0.627   -7.650  1.00 0.00 ? 338 THR A O    1 
ATOM   127 C  CB   . THR A 1 9  ? 5.121   -2.399  -7.472  1.00 0.00 ? 338 THR A CB   1 
ATOM   128 O  OG1  . THR A 1 9  ? 4.112   -3.389  -7.575  1.00 0.00 ? 338 THR A OG1  1 
ATOM   129 C  CG2  . THR A 1 9  ? 6.275   -2.995  -6.688  1.00 0.00 ? 338 THR A CG2  1 
ATOM   130 H  H    . THR A 1 9  ? 3.544   -0.494  -8.595  1.00 0.00 ? 338 THR A H    1 
ATOM   131 H  HA   . THR A 1 9  ? 4.189   -1.355  -5.856  1.00 0.00 ? 338 THR A HA   1 
ATOM   132 H  HB   . THR A 1 9  ? 5.478   -2.173  -8.465  1.00 0.00 ? 338 THR A HB   1 
ATOM   133 H  HG1  . THR A 1 9  ? 3.842   -3.663  -6.696  1.00 0.00 ? 338 THR A HG1  1 
ATOM   134 H  HG21 . THR A 1 9  ? 7.116   -3.149  -7.345  1.00 0.00 ? 338 THR A HG21 1 
ATOM   135 H  HG22 . THR A 1 9  ? 5.971   -3.940  -6.263  1.00 0.00 ? 338 THR A HG22 1 
ATOM   136 H  HG23 . THR A 1 9  ? 6.559   -2.319  -5.892  1.00 0.00 ? 338 THR A HG23 1 
ATOM   137 N  N    . LYS A 1 10 ? 6.256   -0.033  -5.511  1.00 0.00 ? 339 LYS A N    1 
ATOM   138 C  CA   . LYS A 1 10 ? 7.340   0.890   -5.213  1.00 0.00 ? 339 LYS A CA   1 
ATOM   139 C  C    . LYS A 1 10 ? 8.256   0.299   -4.146  1.00 0.00 ? 339 LYS A C    1 
ATOM   140 O  O    . LYS A 1 10 ? 7.798   -0.415  -3.248  1.00 0.00 ? 339 LYS A O    1 
ATOM   141 C  CB   . LYS A 1 10 ? 6.783   2.234   -4.741  1.00 0.00 ? 339 LYS A CB   1 
ATOM   142 C  CG   . LYS A 1 10 ? 6.538   3.221   -5.870  1.00 0.00 ? 339 LYS A CG   1 
ATOM   143 C  CD   . LYS A 1 10 ? 7.716   4.162   -6.054  1.00 0.00 ? 339 LYS A CD   1 
ATOM   144 C  CE   . LYS A 1 10 ? 7.731   4.772   -7.447  1.00 0.00 ? 339 LYS A CE   1 
ATOM   145 N  NZ   . LYS A 1 10 ? 9.117   4.966   -7.954  1.00 0.00 ? 339 LYS A NZ   1 
ATOM   146 H  H    . LYS A 1 10 ? 5.945   -0.639  -4.806  1.00 0.00 ? 339 LYS A H    1 
ATOM   147 H  HA   . LYS A 1 10 ? 7.909   1.040   -6.119  1.00 0.00 ? 339 LYS A HA   1 
ATOM   148 H  HB2  . LYS A 1 10 ? 5.847   2.064   -4.231  1.00 0.00 ? 339 LYS A HB2  1 
ATOM   149 H  HB3  . LYS A 1 10 ? 7.484   2.678   -4.050  1.00 0.00 ? 339 LYS A HB3  1 
ATOM   150 H  HG2  . LYS A 1 10 ? 6.381   2.673   -6.788  1.00 0.00 ? 339 LYS A HG2  1 
ATOM   151 H  HG3  . LYS A 1 10 ? 5.656   3.803   -5.642  1.00 0.00 ? 339 LYS A HG3  1 
ATOM   152 H  HD2  . LYS A 1 10 ? 7.649   4.956   -5.325  1.00 0.00 ? 339 LYS A HD2  1 
ATOM   153 H  HD3  . LYS A 1 10 ? 8.633   3.609   -5.903  1.00 0.00 ? 339 LYS A HD3  1 
ATOM   154 H  HE2  . LYS A 1 10 ? 7.201   4.115   -8.119  1.00 0.00 ? 339 LYS A HE2  1 
ATOM   155 H  HE3  . LYS A 1 10 ? 7.232   5.729   -7.412  1.00 0.00 ? 339 LYS A HE3  1 
ATOM   156 H  HZ1  . LYS A 1 10 ? 9.571   4.044   -8.115  1.00 0.00 ? 339 LYS A HZ1  1 
ATOM   157 H  HZ2  . LYS A 1 10 ? 9.680   5.501   -7.261  1.00 0.00 ? 339 LYS A HZ2  1 
ATOM   158 H  HZ3  . LYS A 1 10 ? 9.099   5.495   -8.850  1.00 0.00 ? 339 LYS A HZ3  1 
ATOM   159 N  N    . SER A 1 11 ? 9.546   0.595   -4.249  1.00 0.00 ? 340 SER A N    1 
ATOM   160 C  CA   . SER A 1 11 ? 10.524  0.092   -3.293  1.00 0.00 ? 340 SER A CA   1 
ATOM   161 C  C    . SER A 1 11 ? 11.778  0.962   -3.295  1.00 0.00 ? 340 SER A C    1 
ATOM   162 O  O    . SER A 1 11 ? 12.795  0.602   -3.887  1.00 0.00 ? 340 SER A O    1 
ATOM   163 C  CB   . SER A 1 11 ? 10.895  -1.355  -3.626  1.00 0.00 ? 340 SER A CB   1 
ATOM   164 O  OG   . SER A 1 11 ? 9.765   -2.206  -3.529  1.00 0.00 ? 340 SER A OG   1 
ATOM   165 H  H    . SER A 1 11 ? 9.848   1.165   -4.986  1.00 0.00 ? 340 SER A H    1 
ATOM   166 H  HA   . SER A 1 11 ? 10.076  0.123   -2.311  1.00 0.00 ? 340 SER A HA   1 
ATOM   167 H  HB2  . SER A 1 11 ? 11.280  -1.404  -4.634  1.00 0.00 ? 340 SER A HB2  1 
ATOM   168 H  HB3  . SER A 1 11 ? 11.650  -1.700  -2.935  1.00 0.00 ? 340 SER A HB3  1 
ATOM   169 H  HG   . SER A 1 11 ? 9.639   -2.667  -4.362  1.00 0.00 ? 340 SER A HG   1 
ATOM   170 N  N    . TRP A 1 12 ? 11.695  2.111   -2.632  1.00 0.00 ? 341 TRP A N    1 
ATOM   171 C  CA   . TRP A 1 12 ? 12.822  3.037   -2.561  1.00 0.00 ? 341 TRP A CA   1 
ATOM   172 C  C    . TRP A 1 12 ? 14.054  2.359   -1.965  1.00 0.00 ? 341 TRP A C    1 
ATOM   173 O  O    . TRP A 1 12 ? 14.932  1.899   -2.695  1.00 0.00 ? 341 TRP A O    1 
ATOM   174 C  CB   . TRP A 1 12 ? 12.445  4.270   -1.736  1.00 0.00 ? 341 TRP A CB   1 
ATOM   175 C  CG   . TRP A 1 12 ? 11.452  5.160   -2.418  1.00 0.00 ? 341 TRP A CG   1 
ATOM   176 C  CD1  . TRP A 1 12 ? 11.717  6.123   -3.348  1.00 0.00 ? 341 TRP A CD1  1 
ATOM   177 C  CD2  . TRP A 1 12 ? 10.033  5.171   -2.221  1.00 0.00 ? 341 TRP A CD2  1 
ATOM   178 N  NE1  . TRP A 1 12 ? 10.550  6.732   -3.743  1.00 0.00 ? 341 TRP A NE1  1 
ATOM   179 C  CE2  . TRP A 1 12 ? 9.503   6.165   -3.066  1.00 0.00 ? 341 TRP A CE2  1 
ATOM   180 C  CE3  . TRP A 1 12 ? 9.160   4.436   -1.415  1.00 0.00 ? 341 TRP A CE3  1 
ATOM   181 C  CZ2  . TRP A 1 12 ? 8.139   6.441   -3.126  1.00 0.00 ? 341 TRP A CZ2  1 
ATOM   182 C  CZ3  . TRP A 1 12 ? 7.806   4.711   -1.475  1.00 0.00 ? 341 TRP A CZ3  1 
ATOM   183 C  CH2  . TRP A 1 12 ? 7.307   5.706   -2.325  1.00 0.00 ? 341 TRP A CH2  1 
ATOM   184 H  H    . TRP A 1 12 ? 10.856  2.346   -2.183  1.00 0.00 ? 341 TRP A H    1 
ATOM   185 H  HA   . TRP A 1 12 ? 13.054  3.349   -3.569  1.00 0.00 ? 341 TRP A HA   1 
ATOM   186 H  HB2  . TRP A 1 12 ? 12.017  3.950   -0.798  1.00 0.00 ? 341 TRP A HB2  1 
ATOM   187 H  HB3  . TRP A 1 12 ? 13.336  4.850   -1.541  1.00 0.00 ? 341 TRP A HB3  1 
ATOM   188 H  HD1  . TRP A 1 12 ? 12.706  6.363   -3.711  1.00 0.00 ? 341 TRP A HD1  1 
ATOM   189 H  HE1  . TRP A 1 12 ? 10.480  7.454   -4.402  1.00 0.00 ? 341 TRP A HE1  1 
ATOM   190 H  HE3  . TRP A 1 12 ? 9.526   3.665   -0.753  1.00 0.00 ? 341 TRP A HE3  1 
ATOM   191 H  HZ2  . TRP A 1 12 ? 7.739   7.205   -3.775  1.00 0.00 ? 341 TRP A HZ2  1 
ATOM   192 H  HZ3  . TRP A 1 12 ? 7.116   4.153   -0.859  1.00 0.00 ? 341 TRP A HZ3  1 
ATOM   193 H  HH2  . TRP A 1 12 ? 6.243   5.888   -2.339  1.00 0.00 ? 341 TRP A HH2  1 
ATOM   194 N  N    . LEU A 1 13 ? 14.115  2.300   -0.636  1.00 0.00 ? 342 LEU A N    1 
ATOM   195 C  CA   . LEU A 1 13 ? 15.241  1.677   0.051   1.00 0.00 ? 342 LEU A CA   1 
ATOM   196 C  C    . LEU A 1 13 ? 15.063  1.754   1.565   1.00 0.00 ? 342 LEU A C    1 
ATOM   197 O  O    . LEU A 1 13 ? 15.119  0.739   2.259   1.00 0.00 ? 342 LEU A O    1 
ATOM   198 C  CB   . LEU A 1 13 ? 16.554  2.354   -0.352  1.00 0.00 ? 342 LEU A CB   1 
ATOM   199 C  CG   . LEU A 1 13 ? 17.751  1.412   -0.494  1.00 0.00 ? 342 LEU A CG   1 
ATOM   200 C  CD1  . LEU A 1 13 ? 17.772  0.781   -1.877  1.00 0.00 ? 342 LEU A CD1  1 
ATOM   201 C  CD2  . LEU A 1 13 ? 19.049  2.159   -0.227  1.00 0.00 ? 342 LEU A CD2  1 
ATOM   202 H  H    . LEU A 1 13 ? 13.385  2.683   -0.106  1.00 0.00 ? 342 LEU A H    1 
ATOM   203 H  HA   . LEU A 1 13 ? 15.277  0.639   -0.242  1.00 0.00 ? 342 LEU A HA   1 
ATOM   204 H  HB2  . LEU A 1 13 ? 16.400  2.854   -1.298  1.00 0.00 ? 342 LEU A HB2  1 
ATOM   205 H  HB3  . LEU A 1 13 ? 16.796  3.097   0.392   1.00 0.00 ? 342 LEU A HB3  1 
ATOM   206 H  HG   . LEU A 1 13 ? 17.664  0.619   0.233   1.00 0.00 ? 342 LEU A HG   1 
ATOM   207 H  HD11 . LEU A 1 13 ? 18.795  0.613   -2.181  1.00 0.00 ? 342 LEU A HD11 1 
ATOM   208 H  HD12 . LEU A 1 13 ? 17.290  1.442   -2.583  1.00 0.00 ? 342 LEU A HD12 1 
ATOM   209 H  HD13 . LEU A 1 13 ? 17.245  -0.162  -1.851  1.00 0.00 ? 342 LEU A HD13 1 
ATOM   210 H  HD21 . LEU A 1 13 ? 18.932  3.197   -0.506  1.00 0.00 ? 342 LEU A HD21 1 
ATOM   211 H  HD22 . LEU A 1 13 ? 19.844  1.718   -0.810  1.00 0.00 ? 342 LEU A HD22 1 
ATOM   212 H  HD23 . LEU A 1 13 ? 19.293  2.094   0.822   1.00 0.00 ? 342 LEU A HD23 1 
ATOM   213 N  N    . SER A 1 14 ? 14.847  2.964   2.068   1.00 0.00 ? 343 SER A N    1 
ATOM   214 C  CA   . SER A 1 14 ? 14.660  3.175   3.499   1.00 0.00 ? 343 SER A CA   1 
ATOM   215 C  C    . SER A 1 14 ? 13.183  3.363   3.833   1.00 0.00 ? 343 SER A C    1 
ATOM   216 O  O    . SER A 1 14 ? 12.836  4.061   4.785   1.00 0.00 ? 343 SER A O    1 
ATOM   217 C  CB   . SER A 1 14 ? 15.459  4.392   3.966   1.00 0.00 ? 343 SER A CB   1 
ATOM   218 O  OG   . SER A 1 14 ? 16.851  4.130   3.937   1.00 0.00 ? 343 SER A OG   1 
ATOM   219 H  H    . SER A 1 14 ? 14.813  3.735   1.464   1.00 0.00 ? 343 SER A H    1 
ATOM   220 H  HA   . SER A 1 14 ? 15.024  2.298   4.013   1.00 0.00 ? 343 SER A HA   1 
ATOM   221 H  HB2  . SER A 1 14 ? 15.251  5.228   3.316   1.00 0.00 ? 343 SER A HB2  1 
ATOM   222 H  HB3  . SER A 1 14 ? 15.173  4.643   4.977   1.00 0.00 ? 343 SER A HB3  1 
ATOM   223 H  HG   . SER A 1 14 ? 17.039  3.337   4.445   1.00 0.00 ? 343 SER A HG   1 
ATOM   224 N  N    . GLN A 1 15 ? 12.318  2.735   3.041   1.00 0.00 ? 344 GLN A N    1 
ATOM   225 C  CA   . GLN A 1 15 ? 10.880  2.833   3.253   1.00 0.00 ? 344 GLN A CA   1 
ATOM   226 C  C    . GLN A 1 15 ? 10.363  1.636   4.044   1.00 0.00 ? 344 GLN A C    1 
ATOM   227 O  O    . GLN A 1 15 ? 10.870  0.522   3.903   1.00 0.00 ? 344 GLN A O    1 
ATOM   228 C  CB   . GLN A 1 15 ? 10.150  2.927   1.912   1.00 0.00 ? 344 GLN A CB   1 
ATOM   229 C  CG   . GLN A 1 15 ? 8.762   3.537   2.015   1.00 0.00 ? 344 GLN A CG   1 
ATOM   230 C  CD   . GLN A 1 15 ? 8.771   4.896   2.689   1.00 0.00 ? 344 GLN A CD   1 
ATOM   231 O  OE1  . GLN A 1 15 ? 8.307   5.044   3.819   1.00 0.00 ? 344 GLN A OE1  1 
ATOM   232 N  NE2  . GLN A 1 15 ? 9.301   5.896   1.995   1.00 0.00 ? 344 GLN A NE2  1 
ATOM   233 H  H    . GLN A 1 15 ? 12.656  2.193   2.299   1.00 0.00 ? 344 GLN A H    1 
ATOM   234 H  HA   . GLN A 1 15 ? 10.689  3.733   3.821   1.00 0.00 ? 344 GLN A HA   1 
ATOM   235 H  HB2  . GLN A 1 15 ? 10.737  3.533   1.238   1.00 0.00 ? 344 GLN A HB2  1 
ATOM   236 H  HB3  . GLN A 1 15 ? 10.053  1.934   1.498   1.00 0.00 ? 344 GLN A HB3  1 
ATOM   237 H  HG2  . GLN A 1 15 ? 8.356   3.648   1.021   1.00 0.00 ? 344 GLN A HG2  1 
ATOM   238 H  HG3  . GLN A 1 15 ? 8.132   2.872   2.587   1.00 0.00 ? 344 GLN A HG3  1 
ATOM   239 H  HE21 . GLN A 1 15 ? 9.651   5.705   1.100   1.00 0.00 ? 344 GLN A HE21 1 
ATOM   240 H  HE22 . GLN A 1 15 ? 9.320   6.786   2.406   1.00 0.00 ? 344 GLN A HE22 1 
ATOM   241 N  N    . VAL A 1 16 ? 9.354   1.871   4.875   1.00 0.00 ? 345 VAL A N    1 
ATOM   242 C  CA   . VAL A 1 16 ? 8.770   0.812   5.688   1.00 0.00 ? 345 VAL A CA   1 
ATOM   243 C  C    . VAL A 1 16 ? 7.256   0.748   5.503   1.00 0.00 ? 345 VAL A C    1 
ATOM   244 O  O    . VAL A 1 16 ? 6.590   1.777   5.391   1.00 0.00 ? 345 VAL A O    1 
ATOM   245 C  CB   . VAL A 1 16 ? 9.091   1.008   7.184   1.00 0.00 ? 345 VAL A CB   1 
ATOM   246 C  CG1  . VAL A 1 16 ? 8.517   -0.132  8.014   1.00 0.00 ? 345 VAL A CG1  1 
ATOM   247 C  CG2  . VAL A 1 16 ? 10.595  1.124   7.393   1.00 0.00 ? 345 VAL A CG2  1 
ATOM   248 H  H    . VAL A 1 16 ? 8.993   2.780   4.943   1.00 0.00 ? 345 VAL A H    1 
ATOM   249 H  HA   . VAL A 1 16 ? 9.200   -0.127  5.369   1.00 0.00 ? 345 VAL A HA   1 
ATOM   250 H  HB   . VAL A 1 16 ? 8.632   1.929   7.511   1.00 0.00 ? 345 VAL A HB   1 
ATOM   251 H  HG11 . VAL A 1 16 ? 9.257   -0.472  8.722   1.00 0.00 ? 345 VAL A HG11 1 
ATOM   252 H  HG12 . VAL A 1 16 ? 8.239   -0.947  7.363   1.00 0.00 ? 345 VAL A HG12 1 
ATOM   253 H  HG13 . VAL A 1 16 ? 7.644   0.217   8.545   1.00 0.00 ? 345 VAL A HG13 1 
ATOM   254 H  HG21 . VAL A 1 16 ? 11.111  0.730   6.530   1.00 0.00 ? 345 VAL A HG21 1 
ATOM   255 H  HG22 . VAL A 1 16 ? 10.881  0.564   8.271   1.00 0.00 ? 345 VAL A HG22 1 
ATOM   256 H  HG23 . VAL A 1 16 ? 10.860  2.162   7.527   1.00 0.00 ? 345 VAL A HG23 1 
ATOM   257 N  N    . CYS A 1 17 ? 6.723   -0.470  5.474   1.00 0.00 ? 346 CYS A N    1 
ATOM   258 C  CA   . CYS A 1 17 ? 5.288   -0.684  5.304   1.00 0.00 ? 346 CYS A CA   1 
ATOM   259 C  C    . CYS A 1 17 ? 4.481   0.225   6.231   1.00 0.00 ? 346 CYS A C    1 
ATOM   260 O  O    . CYS A 1 17 ? 4.842   0.420   7.392   1.00 0.00 ? 346 CYS A O    1 
ATOM   261 C  CB   . CYS A 1 17 ? 4.946   -2.151  5.577   1.00 0.00 ? 346 CYS A CB   1 
ATOM   262 S  SG   . CYS A 1 17 ? 3.188   -2.568  5.341   1.00 0.00 ? 346 CYS A SG   1 
ATOM   263 H  H    . CYS A 1 17 ? 7.311   -1.248  5.569   1.00 0.00 ? 346 CYS A H    1 
ATOM   264 H  HA   . CYS A 1 17 ? 5.036   -0.449  4.281   1.00 0.00 ? 346 CYS A HA   1 
ATOM   265 H  HB2  . CYS A 1 17 ? 5.523   -2.776  4.911   1.00 0.00 ? 346 CYS A HB2  1 
ATOM   266 H  HB3  . CYS A 1 17 ? 5.207   -2.388  6.598   1.00 0.00 ? 346 CYS A HB3  1 
ATOM   267 N  N    . ASN A 1 18 ? 3.386   0.780   5.711   1.00 0.00 ? 347 ASN A N    1 
ATOM   268 C  CA   . ASN A 1 18 ? 2.530   1.667   6.497   1.00 0.00 ? 347 ASN A CA   1 
ATOM   269 C  C    . ASN A 1 18 ? 1.406   0.890   7.178   1.00 0.00 ? 347 ASN A C    1 
ATOM   270 O  O    . ASN A 1 18 ? 0.351   1.447   7.484   1.00 0.00 ? 347 ASN A O    1 
ATOM   271 C  CB   . ASN A 1 18 ? 1.933   2.763   5.612   1.00 0.00 ? 347 ASN A CB   1 
ATOM   272 C  CG   . ASN A 1 18 ? 2.672   4.080   5.743   1.00 0.00 ? 347 ASN A CG   1 
ATOM   273 O  OD1  . ASN A 1 18 ? 3.874   4.159   5.484   1.00 0.00 ? 347 ASN A OD1  1 
ATOM   274 N  ND2  . ASN A 1 18 ? 1.957   5.123   6.147   1.00 0.00 ? 347 ASN A ND2  1 
ATOM   275 H  H    . ASN A 1 18 ? 3.149   0.588   4.780   1.00 0.00 ? 347 ASN A H    1 
ATOM   276 H  HA   . ASN A 1 18 ? 3.143   2.128   7.258   1.00 0.00 ? 347 ASN A HA   1 
ATOM   277 H  HB2  . ASN A 1 18 ? 1.972   2.450   4.578   1.00 0.00 ? 347 ASN A HB2  1 
ATOM   278 H  HB3  . ASN A 1 18 ? 0.905   2.918   5.896   1.00 0.00 ? 347 ASN A HB3  1 
ATOM   279 H  HD21 . ASN A 1 18 ? 1.005   4.985   6.336   1.00 0.00 ? 347 ASN A HD21 1 
ATOM   280 H  HD22 . ASN A 1 18 ? 2.410   5.987   6.241   1.00 0.00 ? 347 ASN A HD22 1 
ATOM   281 N  N    . VAL A 1 19 ? 1.639   -0.393  7.410   1.00 0.00 ? 348 VAL A N    1 
ATOM   282 C  CA   . VAL A 1 19 ? 0.649   -1.248  8.053   1.00 0.00 ? 348 VAL A CA   1 
ATOM   283 C  C    . VAL A 1 19 ? 1.276   -2.043  9.195   1.00 0.00 ? 348 VAL A C    1 
ATOM   284 O  O    . VAL A 1 19 ? 0.994   -1.791  10.367  1.00 0.00 ? 348 VAL A O    1 
ATOM   285 C  CB   . VAL A 1 19 ? 0.010   -2.226  7.044   1.00 0.00 ? 348 VAL A CB   1 
ATOM   286 C  CG1  . VAL A 1 19 ? -1.247  -2.851  7.626   1.00 0.00 ? 348 VAL A CG1  1 
ATOM   287 C  CG2  . VAL A 1 19 ? -0.299  -1.518  5.733   1.00 0.00 ? 348 VAL A CG2  1 
ATOM   288 H  H    . VAL A 1 19 ? 2.494   -0.775  7.144   1.00 0.00 ? 348 VAL A H    1 
ATOM   289 H  HA   . VAL A 1 19 ? -0.130  -0.615  8.453   1.00 0.00 ? 348 VAL A HA   1 
ATOM   290 H  HB   . VAL A 1 19 ? 0.717   -3.017  6.841   1.00 0.00 ? 348 VAL A HB   1 
ATOM   291 H  HG11 . VAL A 1 19 ? -0.993  -3.412  8.513   1.00 0.00 ? 348 VAL A HG11 1 
ATOM   292 H  HG12 . VAL A 1 19 ? -1.690  -3.511  6.895   1.00 0.00 ? 348 VAL A HG12 1 
ATOM   293 H  HG13 . VAL A 1 19 ? -1.951  -2.072  7.880   1.00 0.00 ? 348 VAL A HG13 1 
ATOM   294 H  HG21 . VAL A 1 19 ? 0.614   -1.126  5.311   1.00 0.00 ? 348 VAL A HG21 1 
ATOM   295 H  HG22 . VAL A 1 19 ? -0.987  -0.706  5.916   1.00 0.00 ? 348 VAL A HG22 1 
ATOM   296 H  HG23 . VAL A 1 19 ? -0.744  -2.218  5.042   1.00 0.00 ? 348 VAL A HG23 1 
ATOM   297 N  N    . CYS A 1 20 ? 2.135   -2.997  8.847   1.00 0.00 ? 349 CYS A N    1 
ATOM   298 C  CA   . CYS A 1 20 ? 2.809   -3.822  9.844   1.00 0.00 ? 349 CYS A CA   1 
ATOM   299 C  C    . CYS A 1 20 ? 4.145   -3.206  10.256  1.00 0.00 ? 349 CYS A C    1 
ATOM   300 O  O    . CYS A 1 20 ? 4.692   -3.538  11.306  1.00 0.00 ? 349 CYS A O    1 
ATOM   301 C  CB   . CYS A 1 20 ? 3.030   -5.236  9.304   1.00 0.00 ? 349 CYS A CB   1 
ATOM   302 S  SG   . CYS A 1 20 ? 4.069   -5.306  7.809   1.00 0.00 ? 349 CYS A SG   1 
ATOM   303 H  H    . CYS A 1 20 ? 2.325   -3.146  7.897   1.00 0.00 ? 349 CYS A H    1 
ATOM   304 H  HA   . CYS A 1 20 ? 2.170   -3.875  10.713  1.00 0.00 ? 349 CYS A HA   1 
ATOM   305 H  HB2  . CYS A 1 20 ? 3.510   -5.833  10.064  1.00 0.00 ? 349 CYS A HB2  1 
ATOM   306 H  HB3  . CYS A 1 20 ? 2.073   -5.673  9.060   1.00 0.00 ? 349 CYS A HB3  1 
ATOM   307 N  N    . GLN A 1 21 ? 4.666   -2.307  9.417   1.00 0.00 ? 350 GLN A N    1 
ATOM   308 C  CA   . GLN A 1 21 ? 5.941   -1.636  9.680   1.00 0.00 ? 350 GLN A CA   1 
ATOM   309 C  C    . GLN A 1 21 ? 7.007   -2.617  10.167  1.00 0.00 ? 350 GLN A C    1 
ATOM   310 O  O    . GLN A 1 21 ? 7.067   -2.950  11.350  1.00 0.00 ? 350 GLN A O    1 
ATOM   311 C  CB   . GLN A 1 21 ? 5.758   -0.508  10.700  1.00 0.00 ? 350 GLN A CB   1 
ATOM   312 C  CG   . GLN A 1 21 ? 5.006   -0.921  11.956  1.00 0.00 ? 350 GLN A CG   1 
ATOM   313 C  CD   . GLN A 1 21 ? 4.947   0.186   12.989  1.00 0.00 ? 350 GLN A CD   1 
ATOM   314 O  OE1  . GLN A 1 21 ? 5.570   0.095   14.048  1.00 0.00 ? 350 GLN A OE1  1 
ATOM   315 N  NE2  . GLN A 1 21 ? 4.197   1.239   12.689  1.00 0.00 ? 350 GLN A NE2  1 
ATOM   316 H  H    . GLN A 1 21 ? 4.180   -2.090  8.594   1.00 0.00 ? 350 GLN A H    1 
ATOM   317 H  HA   . GLN A 1 21 ? 6.276   -1.207  8.748   1.00 0.00 ? 350 GLN A HA   1 
ATOM   318 H  HB2  . GLN A 1 21 ? 6.731   -0.146  10.995  1.00 0.00 ? 350 GLN A HB2  1 
ATOM   319 H  HB3  . GLN A 1 21 ? 5.212   0.299   10.231  1.00 0.00 ? 350 GLN A HB3  1 
ATOM   320 H  HG2  . GLN A 1 21 ? 3.995   -1.190  11.683  1.00 0.00 ? 350 GLN A HG2  1 
ATOM   321 H  HG3  . GLN A 1 21 ? 5.500   -1.776  12.392  1.00 0.00 ? 350 GLN A HG3  1 
ATOM   322 H  HE21 . GLN A 1 21 ? 3.729   1.242   11.828  1.00 0.00 ? 350 GLN A HE21 1 
ATOM   323 H  HE22 . GLN A 1 21 ? 4.141   1.969   13.340  1.00 0.00 ? 350 GLN A HE22 1 
ATOM   324 N  N    . LYS A 1 22 ? 7.849   -3.072  9.243   1.00 0.00 ? 351 LYS A N    1 
ATOM   325 C  CA   . LYS A 1 22 ? 8.916   -4.010  9.576   1.00 0.00 ? 351 LYS A CA   1 
ATOM   326 C  C    . LYS A 1 22 ? 10.119  -3.814  8.658   1.00 0.00 ? 351 LYS A C    1 
ATOM   327 O  O    . LYS A 1 22 ? 10.069  -3.029  7.711   1.00 0.00 ? 351 LYS A O    1 
ATOM   328 C  CB   . LYS A 1 22 ? 8.409   -5.449  9.470   1.00 0.00 ? 351 LYS A CB   1 
ATOM   329 C  CG   . LYS A 1 22 ? 7.578   -5.891  10.664  1.00 0.00 ? 351 LYS A CG   1 
ATOM   330 C  CD   . LYS A 1 22 ? 7.607   -7.401  10.834  1.00 0.00 ? 351 LYS A CD   1 
ATOM   331 C  CE   . LYS A 1 22 ? 6.263   -7.935  11.301  1.00 0.00 ? 351 LYS A CE   1 
ATOM   332 N  NZ   . LYS A 1 22 ? 5.851   -7.341  12.602  1.00 0.00 ? 351 LYS A NZ   1 
ATOM   333 H  H    . LYS A 1 22 ? 7.752   -2.767  8.317   1.00 0.00 ? 351 LYS A H    1 
ATOM   334 H  HA   . LYS A 1 22 ? 9.220   -3.818  10.594  1.00 0.00 ? 351 LYS A HA   1 
ATOM   335 H  HB2  . LYS A 1 22 ? 7.800   -5.539  8.582   1.00 0.00 ? 351 LYS A HB2  1 
ATOM   336 H  HB3  . LYS A 1 22 ? 9.257   -6.112  9.383   1.00 0.00 ? 351 LYS A HB3  1 
ATOM   337 H  HG2  . LYS A 1 22 ? 7.976   -5.431  11.557  1.00 0.00 ? 351 LYS A HG2  1 
ATOM   338 H  HG3  . LYS A 1 22 ? 6.557   -5.573  10.517  1.00 0.00 ? 351 LYS A HG3  1 
ATOM   339 H  HD2  . LYS A 1 22 ? 7.855   -7.856  9.887   1.00 0.00 ? 351 LYS A HD2  1 
ATOM   340 H  HD3  . LYS A 1 22 ? 8.360   -7.657  11.566  1.00 0.00 ? 351 LYS A HD3  1 
ATOM   341 H  HE2  . LYS A 1 22 ? 5.518   -7.699  10.555  1.00 0.00 ? 351 LYS A HE2  1 
ATOM   342 H  HE3  . LYS A 1 22 ? 6.334   -9.008  11.410  1.00 0.00 ? 351 LYS A HE3  1 
ATOM   343 H  HZ1  . LYS A 1 22 ? 4.907   -7.689  12.871  1.00 0.00 ? 351 LYS A HZ1  1 
ATOM   344 H  HZ2  . LYS A 1 22 ? 5.816   -6.304  12.528  1.00 0.00 ? 351 LYS A HZ2  1 
ATOM   345 H  HZ3  . LYS A 1 22 ? 6.529   -7.603  13.345  1.00 0.00 ? 351 LYS A HZ3  1 
ATOM   346 N  N    . SER A 1 23 ? 11.200  -4.533  8.946   1.00 0.00 ? 352 SER A N    1 
ATOM   347 C  CA   . SER A 1 23 ? 12.418  -4.440  8.147   1.00 0.00 ? 352 SER A CA   1 
ATOM   348 C  C    . SER A 1 23 ? 12.178  -4.940  6.726   1.00 0.00 ? 352 SER A C    1 
ATOM   349 O  O    . SER A 1 23 ? 12.216  -6.143  6.465   1.00 0.00 ? 352 SER A O    1 
ATOM   350 C  CB   . SER A 1 23 ? 13.543  -5.245  8.800   1.00 0.00 ? 352 SER A CB   1 
ATOM   351 O  OG   . SER A 1 23 ? 14.721  -5.207  8.013   1.00 0.00 ? 352 SER A OG   1 
ATOM   352 H  H    . SER A 1 23 ? 11.179  -5.141  9.713   1.00 0.00 ? 352 SER A H    1 
ATOM   353 H  HA   . SER A 1 23 ? 12.709  -3.401  8.106   1.00 0.00 ? 352 SER A HA   1 
ATOM   354 H  HB2  . SER A 1 23 ? 13.762  -4.831  9.773   1.00 0.00 ? 352 SER A HB2  1 
ATOM   355 H  HB3  . SER A 1 23 ? 13.231  -6.274  8.908   1.00 0.00 ? 352 SER A HB3  1 
ATOM   356 H  HG   . SER A 1 23 ? 15.229  -4.422  8.234   1.00 0.00 ? 352 SER A HG   1 
ATOM   357 N  N    . MET A 1 24 ? 11.928  -4.008  5.812   1.00 0.00 ? 353 MET A N    1 
ATOM   358 C  CA   . MET A 1 24 ? 11.678  -4.347  4.414   1.00 0.00 ? 353 MET A CA   1 
ATOM   359 C  C    . MET A 1 24 ? 11.372  -3.094  3.603   1.00 0.00 ? 353 MET A C    1 
ATOM   360 O  O    . MET A 1 24 ? 11.266  -1.999  4.157   1.00 0.00 ? 353 MET A O    1 
ATOM   361 C  CB   . MET A 1 24 ? 10.507  -5.332  4.300   1.00 0.00 ? 353 MET A CB   1 
ATOM   362 C  CG   . MET A 1 24 ? 9.412   -5.107  5.333   1.00 0.00 ? 353 MET A CG   1 
ATOM   363 S  SD   . MET A 1 24 ? 9.312   -6.437  6.547   1.00 0.00 ? 353 MET A SD   1 
ATOM   364 C  CE   . MET A 1 24 ? 8.766   -7.796  5.516   1.00 0.00 ? 353 MET A CE   1 
ATOM   365 H  H    . MET A 1 24 ? 11.911  -3.067  6.084   1.00 0.00 ? 353 MET A H    1 
ATOM   366 H  HA   . MET A 1 24 ? 12.569  -4.812  4.018   1.00 0.00 ? 353 MET A HA   1 
ATOM   367 H  HB2  . MET A 1 24 ? 10.067  -5.234  3.319   1.00 0.00 ? 353 MET A HB2  1 
ATOM   368 H  HB3  . MET A 1 24 ? 10.885  -6.337  4.417   1.00 0.00 ? 353 MET A HB3  1 
ATOM   369 H  HG2  . MET A 1 24 ? 9.607   -4.181  5.851   1.00 0.00 ? 353 MET A HG2  1 
ATOM   370 H  HG3  . MET A 1 24 ? 8.464   -5.035  4.819   1.00 0.00 ? 353 MET A HG3  1 
ATOM   371 H  HE1  . MET A 1 24 ? 8.832   -7.509  4.477   1.00 0.00 ? 353 MET A HE1  1 
ATOM   372 H  HE2  . MET A 1 24 ? 7.742   -8.042  5.758   1.00 0.00 ? 353 MET A HE2  1 
ATOM   373 H  HE3  . MET A 1 24 ? 9.394   -8.657  5.693   1.00 0.00 ? 353 MET A HE3  1 
ATOM   374 N  N    . ILE A 1 25 ? 11.154  -3.268  2.304   1.00 0.00 ? 354 ILE A N    1 
ATOM   375 C  CA   . ILE A 1 25 ? 10.780  -2.189  1.453   1.00 0.00 ? 354 ILE A CA   1 
ATOM   376 C  C    . ILE A 1 25 ? 9.765   -2.706  0.480   1.00 0.00 ? 354 ILE A C    1 
ATOM   377 O  O    . ILE A 1 25 ? 10.062  -3.209  -0.603  1.00 0.00 ? 354 ILE A O    1 
ATOM   378 C  CB   . ILE A 1 25 ? 11.964  -1.617  0.680   1.00 0.00 ? 354 ILE A CB   1 
ATOM   379 C  CG1  . ILE A 1 25 ? 12.928  -0.929  1.642   1.00 0.00 ? 354 ILE A CG1  1 
ATOM   380 C  CG2  . ILE A 1 25 ? 11.493  -0.653  -0.404  1.00 0.00 ? 354 ILE A CG2  1 
ATOM   381 C  CD1  . ILE A 1 25 ? 14.098  -1.798  2.052   1.00 0.00 ? 354 ILE A CD1  1 
ATOM   382 H  H    . ILE A 1 25 ? 11.152  -4.149  1.935   1.00 0.00 ? 354 ILE A H    1 
ATOM   383 H  HA   . ILE A 1 25 ? 10.340  -1.408  2.057   1.00 0.00 ? 354 ILE A HA   1 
ATOM   384 H  HB   . ILE A 1 25 ? 12.454  -2.437  0.207   1.00 0.00 ? 354 ILE A HB   1 
ATOM   385 H  HG12 . ILE A 1 25 ? 13.323  -0.040  1.175   1.00 0.00 ? 354 ILE A HG12 1 
ATOM   386 H  HG13 . ILE A 1 25 ? 12.386  -0.654  2.536   1.00 0.00 ? 354 ILE A HG13 1 
ATOM   387 H  HG21 . ILE A 1 25 ? 10.882  0.119   0.039   1.00 0.00 ? 354 ILE A HG21 1 
ATOM   388 H  HG22 . ILE A 1 25 ? 10.911  -1.193  -1.139  1.00 0.00 ? 354 ILE A HG22 1 
ATOM   389 H  HG23 . ILE A 1 25 ? 12.350  -0.204  -0.885  1.00 0.00 ? 354 ILE A HG23 1 
ATOM   390 H  HD11 . ILE A 1 25 ? 14.452  -1.488  3.025   1.00 0.00 ? 354 ILE A HD11 1 
ATOM   391 H  HD12 . ILE A 1 25 ? 14.893  -1.695  1.330   1.00 0.00 ? 354 ILE A HD12 1 
ATOM   392 H  HD13 . ILE A 1 25 ? 13.781  -2.829  2.097   1.00 0.00 ? 354 ILE A HD13 1 
ATOM   393 N  N    . PHE A 1 26 ? 8.584   -2.527  0.907   1.00 0.00 ? 355 PHE A N    1 
ATOM   394 C  CA   . PHE A 1 26 ? 7.392   -2.900  0.165   1.00 0.00 ? 355 PHE A CA   1 
ATOM   395 C  C    . PHE A 1 26 ? 6.339   -1.807  0.276   1.00 0.00 ? 355 PHE A C    1 
ATOM   396 O  O    . PHE A 1 26 ? 5.952   -1.424  1.381   1.00 0.00 ? 355 PHE A O    1 
ATOM   397 C  CB   . PHE A 1 26 ? 6.833   -4.226  0.681   1.00 0.00 ? 355 PHE A CB   1 
ATOM   398 C  CG   . PHE A 1 26 ? 7.308   -5.421  -0.097  1.00 0.00 ? 355 PHE A CG   1 
ATOM   399 C  CD1  . PHE A 1 26 ? 6.992   -5.562  -1.438  1.00 0.00 ? 355 PHE A CD1  1 
ATOM   400 C  CD2  . PHE A 1 26 ? 8.072   -6.402  0.514   1.00 0.00 ? 355 PHE A CD2  1 
ATOM   401 C  CE1  . PHE A 1 26 ? 7.428   -6.659  -2.156  1.00 0.00 ? 355 PHE A CE1  1 
ATOM   402 C  CE2  . PHE A 1 26 ? 8.511   -7.502  -0.198  1.00 0.00 ? 355 PHE A CE2  1 
ATOM   403 C  CZ   . PHE A 1 26 ? 8.188   -7.631  -1.535  1.00 0.00 ? 355 PHE A CZ   1 
ATOM   404 H  H    . PHE A 1 26 ? 8.521   -2.134  1.783   1.00 0.00 ? 355 PHE A H    1 
ATOM   405 H  HA   . PHE A 1 26 ? 7.670   -3.011  -0.874  1.00 0.00 ? 355 PHE A HA   1 
ATOM   406 H  HB2  . PHE A 1 26 ? 7.132   -4.359  1.708   1.00 0.00 ? 355 PHE A HB2  1 
ATOM   407 H  HB3  . PHE A 1 26 ? 5.755   -4.200  0.625   1.00 0.00 ? 355 PHE A HB3  1 
ATOM   408 H  HD1  . PHE A 1 26 ? 6.398   -4.802  -1.926  1.00 0.00 ? 355 PHE A HD1  1 
ATOM   409 H  HD2  . PHE A 1 26 ? 8.325   -6.303  1.560   1.00 0.00 ? 355 PHE A HD2  1 
ATOM   410 H  HE1  . PHE A 1 26 ? 7.175   -6.758  -3.201  1.00 0.00 ? 355 PHE A HE1  1 
ATOM   411 H  HE2  . PHE A 1 26 ? 9.105   -8.261  0.290   1.00 0.00 ? 355 PHE A HE2  1 
ATOM   412 H  HZ   . PHE A 1 26 ? 8.530   -8.490  -2.093  1.00 0.00 ? 355 PHE A HZ   1 
ATOM   413 N  N    . GLY A 1 27 ? 5.875   -1.302  -0.858  1.00 0.00 ? 356 GLY A N    1 
ATOM   414 C  CA   . GLY A 1 27 ? 4.871   -0.259  -0.828  1.00 0.00 ? 356 GLY A CA   1 
ATOM   415 C  C    . GLY A 1 27 ? 3.917   -0.322  -2.000  1.00 0.00 ? 356 GLY A C    1 
ATOM   416 O  O    . GLY A 1 27 ? 4.294   -0.719  -3.097  1.00 0.00 ? 356 GLY A O    1 
ATOM   417 H  H    . GLY A 1 27 ? 6.218   -1.633  -1.719  1.00 0.00 ? 356 GLY A H    1 
ATOM   418 H  HA2  . GLY A 1 27 ? 4.304   -0.350  0.087   1.00 0.00 ? 356 GLY A HA2  1 
ATOM   419 H  HA3  . GLY A 1 27 ? 5.368   0.700   -0.834  1.00 0.00 ? 356 GLY A HA3  1 
ATOM   420 N  N    . VAL A 1 28 ? 2.679   0.085   -1.765  1.00 0.00 ? 357 VAL A N    1 
ATOM   421 C  CA   . VAL A 1 28 ? 1.668   0.097   -2.809  1.00 0.00 ? 357 VAL A CA   1 
ATOM   422 C  C    . VAL A 1 28 ? 0.939   1.433   -2.800  1.00 0.00 ? 357 VAL A C    1 
ATOM   423 O  O    . VAL A 1 28 ? 0.558   1.931   -1.743  1.00 0.00 ? 357 VAL A O    1 
ATOM   424 C  CB   . VAL A 1 28 ? 0.656   -1.059  -2.646  1.00 0.00 ? 357 VAL A CB   1 
ATOM   425 C  CG1  . VAL A 1 28 ? 1.367   -2.401  -2.729  1.00 0.00 ? 357 VAL A CG1  1 
ATOM   426 C  CG2  . VAL A 1 28 ? -0.110  -0.936  -1.336  1.00 0.00 ? 357 VAL A CG2  1 
ATOM   427 H  H    . VAL A 1 28 ? 2.443   0.400   -0.869  1.00 0.00 ? 357 VAL A H    1 
ATOM   428 H  HA   . VAL A 1 28 ? 2.172   -0.020  -3.757  1.00 0.00 ? 357 VAL A HA   1 
ATOM   429 H  HB   . VAL A 1 28 ? -0.053  -1.007  -3.460  1.00 0.00 ? 357 VAL A HB   1 
ATOM   430 H  HG11 . VAL A 1 28 ? 2.273   -2.366  -2.141  1.00 0.00 ? 357 VAL A HG11 1 
ATOM   431 H  HG12 . VAL A 1 28 ? 1.615   -2.614  -3.758  1.00 0.00 ? 357 VAL A HG12 1 
ATOM   432 H  HG13 . VAL A 1 28 ? 0.720   -3.176  -2.347  1.00 0.00 ? 357 VAL A HG13 1 
ATOM   433 H  HG21 . VAL A 1 28 ? 0.056   0.039   -0.908  1.00 0.00 ? 357 VAL A HG21 1 
ATOM   434 H  HG22 . VAL A 1 28 ? 0.231   -1.693  -0.646  1.00 0.00 ? 357 VAL A HG22 1 
ATOM   435 H  HG23 . VAL A 1 28 ? -1.164  -1.073  -1.521  1.00 0.00 ? 357 VAL A HG23 1 
ATOM   436 N  N    . LYS A 1 29 ? 0.760   2.025   -3.972  1.00 0.00 ? 358 LYS A N    1 
ATOM   437 C  CA   . LYS A 1 29 ? 0.092   3.317   -4.061  1.00 0.00 ? 358 LYS A CA   1 
ATOM   438 C  C    . LYS A 1 29 ? -1.335  3.172   -4.569  1.00 0.00 ? 358 LYS A C    1 
ATOM   439 O  O    . LYS A 1 29 ? -1.565  2.699   -5.681  1.00 0.00 ? 358 LYS A O    1 
ATOM   440 C  CB   . LYS A 1 29 ? 0.878   4.256   -4.977  1.00 0.00 ? 358 LYS A CB   1 
ATOM   441 C  CG   . LYS A 1 29 ? 0.806   5.715   -4.559  1.00 0.00 ? 358 LYS A CG   1 
ATOM   442 C  CD   . LYS A 1 29 ? 2.045   6.482   -4.992  1.00 0.00 ? 358 LYS A CD   1 
ATOM   443 C  CE   . LYS A 1 29 ? 2.085   6.668   -6.499  1.00 0.00 ? 358 LYS A CE   1 
ATOM   444 N  NZ   . LYS A 1 29 ? 3.472   6.585   -7.034  1.00 0.00 ? 358 LYS A NZ   1 
ATOM   445 H  H    . LYS A 1 29 ? 1.095   1.596   -4.788  1.00 0.00 ? 358 LYS A H    1 
ATOM   446 H  HA   . LYS A 1 29 ? 0.066   3.742   -3.067  1.00 0.00 ? 358 LYS A HA   1 
ATOM   447 H  HB2  . LYS A 1 29 ? 1.915   3.956   -4.979  1.00 0.00 ? 358 LYS A HB2  1 
ATOM   448 H  HB3  . LYS A 1 29 ? 0.487   4.173   -5.981  1.00 0.00 ? 358 LYS A HB3  1 
ATOM   449 H  HG2  . LYS A 1 29 ? -0.062  6.169   -5.013  1.00 0.00 ? 358 LYS A HG2  1 
ATOM   450 H  HG3  . LYS A 1 29 ? 0.719   5.767   -3.483  1.00 0.00 ? 358 LYS A HG3  1 
ATOM   451 H  HD2  . LYS A 1 29 ? 2.040   7.452   -4.519  1.00 0.00 ? 358 LYS A HD2  1 
ATOM   452 H  HD3  . LYS A 1 29 ? 2.923   5.932   -4.683  1.00 0.00 ? 358 LYS A HD3  1 
ATOM   453 H  HE2  . LYS A 1 29 ? 1.484   5.899   -6.962  1.00 0.00 ? 358 LYS A HE2  1 
ATOM   454 H  HE3  . LYS A 1 29 ? 1.673   7.638   -6.740  1.00 0.00 ? 358 LYS A HE3  1 
ATOM   455 H  HZ1  . LYS A 1 29 ? 3.932   7.516   -6.984  1.00 0.00 ? 358 LYS A HZ1  1 
ATOM   456 H  HZ2  . LYS A 1 29 ? 3.456   6.272   -8.025  1.00 0.00 ? 358 LYS A HZ2  1 
ATOM   457 H  HZ3  . LYS A 1 29 ? 4.029   5.905   -6.477  1.00 0.00 ? 358 LYS A HZ3  1 
ATOM   458 N  N    . CYS A 1 30 ? -2.286  3.602   -3.751  1.00 0.00 ? 359 CYS A N    1 
ATOM   459 C  CA   . CYS A 1 30 ? -3.693  3.542   -4.113  1.00 0.00 ? 359 CYS A CA   1 
ATOM   460 C  C    . CYS A 1 30 ? -4.170  4.921   -4.540  1.00 0.00 ? 359 CYS A C    1 
ATOM   461 O  O    . CYS A 1 30 ? -3.976  5.900   -3.817  1.00 0.00 ? 359 CYS A O    1 
ATOM   462 C  CB   . CYS A 1 30 ? -4.532  3.010   -2.933  1.00 0.00 ? 359 CYS A CB   1 
ATOM   463 S  SG   . CYS A 1 30 ? -5.626  4.235   -2.126  1.00 0.00 ? 359 CYS A SG   1 
ATOM   464 H  H    . CYS A 1 30 ? -2.035  3.981   -2.884  1.00 0.00 ? 359 CYS A H    1 
ATOM   465 H  HA   . CYS A 1 30 ? -3.791  2.866   -4.949  1.00 0.00 ? 359 CYS A HA   1 
ATOM   466 H  HB2  . CYS A 1 30 ? -5.156  2.204   -3.284  1.00 0.00 ? 359 CYS A HB2  1 
ATOM   467 H  HB3  . CYS A 1 30 ? -3.861  2.630   -2.177  1.00 0.00 ? 359 CYS A HB3  1 
ATOM   468 N  N    . LYS A 1 31 ? -4.802  5.002   -5.703  1.00 0.00 ? 360 LYS A N    1 
ATOM   469 C  CA   . LYS A 1 31 ? -5.303  6.229   -6.194  1.00 0.00 ? 360 LYS A CA   1 
ATOM   470 C  C    . LYS A 1 31 ? -6.650  6.497   -5.570  1.00 0.00 ? 360 LYS A C    1 
ATOM   471 O  O    . LYS A 1 31 ? -7.093  5.787   -4.668  1.00 0.00 ? 360 LYS A O    1 
ATOM   472 C  CB   . LYS A 1 31 ? -5.411  6.152   -7.712  1.00 0.00 ? 360 LYS A CB   1 
ATOM   473 C  CG   . LYS A 1 31 ? -4.320  6.915   -8.446  1.00 0.00 ? 360 LYS A CG   1 
ATOM   474 C  CD   . LYS A 1 31 ? -2.935  6.505   -7.969  1.00 0.00 ? 360 LYS A CD   1 
ATOM   475 C  CE   . LYS A 1 31 ? -2.607  5.077   -8.370  1.00 0.00 ? 360 LYS A CE   1 
ATOM   476 N  NZ   . LYS A 1 31 ? -2.229  4.975   -9.807  1.00 0.00 ? 360 LYS A NZ   1 
ATOM   477 H  H    . LYS A 1 31 ? -4.953  4.219   -6.242  1.00 0.00 ? 360 LYS A H    1 
ATOM   478 H  HA   . LYS A 1 31 ? -4.616  7.014   -5.921  1.00 0.00 ? 360 LYS A HA   1 
ATOM   479 H  HB2  . LYS A 1 31 ? -5.349  5.114   -8.007  1.00 0.00 ? 360 LYS A HB2  1 
ATOM   480 H  HB3  . LYS A 1 31 ? -6.362  6.537   -8.008  1.00 0.00 ? 360 LYS A HB3  1 
ATOM   481 H  HG2  . LYS A 1 31 ? -4.400  6.709   -9.503  1.00 0.00 ? 360 LYS A HG2  1 
ATOM   482 H  HG3  . LYS A 1 31 ? -4.453  7.972   -8.272  1.00 0.00 ? 360 LYS A HG3  1 
ATOM   483 H  HD2  . LYS A 1 31 ? -2.204  7.168   -8.407  1.00 0.00 ? 360 LYS A HD2  1 
ATOM   484 H  HD3  . LYS A 1 31 ? -2.898  6.585   -6.893  1.00 0.00 ? 360 LYS A HD3  1 
ATOM   485 H  HE2  . LYS A 1 31 ? -1.782  4.728   -7.766  1.00 0.00 ? 360 LYS A HE2  1 
ATOM   486 H  HE3  . LYS A 1 31 ? -3.473  4.458   -8.189  1.00 0.00 ? 360 LYS A HE3  1 
ATOM   487 H  HZ1  . LYS A 1 31 ? -1.543  5.718   -10.050 1.00 0.00 ? 360 LYS A HZ1  1 
ATOM   488 H  HZ2  . LYS A 1 31 ? -3.071  5.089   -10.406 1.00 0.00 ? 360 LYS A HZ2  1 
ATOM   489 H  HZ3  . LYS A 1 31 ? -1.803  4.047   -10.001 1.00 0.00 ? 360 LYS A HZ3  1 
ATOM   490 N  N    . HIS A 1 32 ? -7.281  7.525   -6.060  1.00 0.00 ? 361 HIS A N    1 
ATOM   491 C  CA   . HIS A 1 32 ? -8.595  7.945   -5.575  1.00 0.00 ? 361 HIS A CA   1 
ATOM   492 C  C    . HIS A 1 32 ? -8.528  8.433   -4.123  1.00 0.00 ? 361 HIS A C    1 
ATOM   493 O  O    . HIS A 1 32 ? -9.278  9.326   -3.727  1.00 0.00 ? 361 HIS A O    1 
ATOM   494 C  CB   . HIS A 1 32 ? -9.597  6.794   -5.691  1.00 0.00 ? 361 HIS A CB   1 
ATOM   495 C  CG   . HIS A 1 32 ? -9.698  6.225   -7.072  1.00 0.00 ? 361 HIS A CG   1 
ATOM   496 N  ND1  . HIS A 1 32 ? -10.650 6.630   -7.984  1.00 0.00 ? 361 HIS A ND1  1 
ATOM   497 C  CD2  . HIS A 1 32 ? -8.960  5.277   -7.697  1.00 0.00 ? 361 HIS A CD2  1 
ATOM   498 C  CE1  . HIS A 1 32 ? -10.494 5.955   -9.110  1.00 0.00 ? 361 HIS A CE1  1 
ATOM   499 N  NE2  . HIS A 1 32 ? -9.475  5.129   -8.961  1.00 0.00 ? 361 HIS A NE2  1 
ATOM   500 H  H    . HIS A 1 32 ? -6.847  8.014   -6.774  1.00 0.00 ? 361 HIS A H    1 
ATOM   501 H  HA   . HIS A 1 32 ? -8.929  8.761   -6.199  1.00 0.00 ? 361 HIS A HA   1 
ATOM   502 H  HB2  . HIS A 1 32 ? -9.298  5.998   -5.026  1.00 0.00 ? 361 HIS A HB2  1 
ATOM   503 H  HB3  . HIS A 1 32 ? -10.576 7.149   -5.403  1.00 0.00 ? 361 HIS A HB3  1 
ATOM   504 H  HD1  . HIS A 1 32 ? -11.339 7.310   -7.830  1.00 0.00 ? 361 HIS A HD1  1 
ATOM   505 H  HD2  . HIS A 1 32 ? -8.122  4.739   -7.278  1.00 0.00 ? 361 HIS A HD2  1 
ATOM   506 H  HE1  . HIS A 1 32 ? -11.096 6.063   -10.000 1.00 0.00 ? 361 HIS A HE1  1 
ATOM   507 H  HE2  . HIS A 1 32 ? -9.088  4.575   -9.672  1.00 0.00 ? 361 HIS A HE2  1 
ATOM   508 N  N    . CYS A 1 33 ? -7.635  7.837   -3.332  1.00 0.00 ? 362 CYS A N    1 
ATOM   509 C  CA   . CYS A 1 33 ? -7.478  8.200   -1.927  1.00 0.00 ? 362 CYS A CA   1 
ATOM   510 C  C    . CYS A 1 33 ? -6.036  8.602   -1.622  1.00 0.00 ? 362 CYS A C    1 
ATOM   511 O  O    . CYS A 1 33 ? -5.792  9.510   -0.826  1.00 0.00 ? 362 CYS A O    1 
ATOM   512 C  CB   . CYS A 1 33 ? -7.883  7.030   -1.021  1.00 0.00 ? 362 CYS A CB   1 
ATOM   513 S  SG   . CYS A 1 33 ? -8.974  5.795   -1.806  1.00 0.00 ? 362 CYS A SG   1 
ATOM   514 H  H    . CYS A 1 33 ? -7.075  7.131   -3.699  1.00 0.00 ? 362 CYS A H    1 
ATOM   515 H  HA   . CYS A 1 33 ? -8.125  9.041   -1.727  1.00 0.00 ? 362 CYS A HA   1 
ATOM   516 H  HB2  . CYS A 1 33 ? -6.992  6.514   -0.695  1.00 0.00 ? 362 CYS A HB2  1 
ATOM   517 H  HB3  . CYS A 1 33 ? -8.399  7.420   -0.155  1.00 0.00 ? 362 CYS A HB3  1 
ATOM   518 N  N    . ARG A 1 34 ? -5.085  7.914   -2.253  1.00 0.00 ? 363 ARG A N    1 
ATOM   519 C  CA   . ARG A 1 34 ? -3.661  8.185   -2.048  1.00 0.00 ? 363 ARG A CA   1 
ATOM   520 C  C    . ARG A 1 34 ? -3.184  7.601   -0.721  1.00 0.00 ? 363 ARG A C    1 
ATOM   521 O  O    . ARG A 1 34 ? -3.184  8.283   0.304   1.00 0.00 ? 363 ARG A O    1 
ATOM   522 C  CB   . ARG A 1 34 ? -3.377  9.691   -2.091  1.00 0.00 ? 363 ARG A CB   1 
ATOM   523 C  CG   . ARG A 1 34 ? -4.055  10.407  -3.248  1.00 0.00 ? 363 ARG A CG   1 
ATOM   524 C  CD   . ARG A 1 34 ? -3.699  9.773   -4.583  1.00 0.00 ? 363 ARG A CD   1 
ATOM   525 N  NE   . ARG A 1 34 ? -3.895  10.696  -5.698  1.00 0.00 ? 363 ARG A NE   1 
ATOM   526 C  CZ   . ARG A 1 34 ? -5.085  10.988  -6.219  1.00 0.00 ? 363 ARG A CZ   1 
ATOM   527 N  NH1  . ARG A 1 34 ? -6.187  10.431  -5.729  1.00 0.00 ? 363 ARG A NH1  1 
ATOM   528 N  NH2  . ARG A 1 34 ? -5.175  11.839  -7.231  1.00 0.00 ? 363 ARG A NH2  1 
ATOM   529 H  H    . ARG A 1 34 ? -5.346  7.198   -2.868  1.00 0.00 ? 363 ARG A H    1 
ATOM   530 H  HA   . ARG A 1 34 ? -3.118  7.704   -2.849  1.00 0.00 ? 363 ARG A HA   1 
ATOM   531 H  HB2  . ARG A 1 34 ? -3.717  10.137  -1.169  1.00 0.00 ? 363 ARG A HB2  1 
ATOM   532 H  HB3  . ARG A 1 34 ? -2.310  9.840   -2.180  1.00 0.00 ? 363 ARG A HB3  1 
ATOM   533 H  HG2  . ARG A 1 34 ? -5.125  10.359  -3.112  1.00 0.00 ? 363 ARG A HG2  1 
ATOM   534 H  HG3  . ARG A 1 34 ? -3.738  11.440  -3.254  1.00 0.00 ? 363 ARG A HG3  1 
ATOM   535 H  HD2  . ARG A 1 34 ? -2.663  9.470   -4.558  1.00 0.00 ? 363 ARG A HD2  1 
ATOM   536 H  HD3  . ARG A 1 34 ? -4.324  8.904   -4.733  1.00 0.00 ? 363 ARG A HD3  1 
ATOM   537 H  HE   . ARG A 1 34 ? -3.099  11.123  -6.079  1.00 0.00 ? 363 ARG A HE   1 
ATOM   538 H  HH11 . ARG A 1 34 ? -6.126  9.789   -4.966  1.00 0.00 ? 363 ARG A HH11 1 
ATOM   539 H  HH12 . ARG A 1 34 ? -7.077  10.654  -6.124  1.00 0.00 ? 363 ARG A HH12 1 
ATOM   540 H  HH21 . ARG A 1 34 ? -4.349  12.261  -7.604  1.00 0.00 ? 363 ARG A HH21 1 
ATOM   541 H  HH22 . ARG A 1 34 ? -6.069  12.058  -7.624  1.00 0.00 ? 363 ARG A HH22 1 
ATOM   542 N  N    . LEU A 1 35 ? -2.782  6.332   -0.748  1.00 0.00 ? 364 LEU A N    1 
ATOM   543 C  CA   . LEU A 1 35 ? -2.308  5.650   0.456   1.00 0.00 ? 364 LEU A CA   1 
ATOM   544 C  C    . LEU A 1 35 ? -1.098  4.770   0.147   1.00 0.00 ? 364 LEU A C    1 
ATOM   545 O  O    . LEU A 1 35 ? -0.803  4.494   -1.015  1.00 0.00 ? 364 LEU A O    1 
ATOM   546 C  CB   . LEU A 1 35 ? -3.430  4.797   1.051   1.00 0.00 ? 364 LEU A CB   1 
ATOM   547 C  CG   . LEU A 1 35 ? -3.203  4.329   2.491   1.00 0.00 ? 364 LEU A CG   1 
ATOM   548 C  CD1  . LEU A 1 35 ? -2.826  5.502   3.383   1.00 0.00 ? 364 LEU A CD1  1 
ATOM   549 C  CD2  . LEU A 1 35 ? -4.445  3.631   3.024   1.00 0.00 ? 364 LEU A CD2  1 
ATOM   550 H  H    . LEU A 1 35 ? -2.811  5.841   -1.598  1.00 0.00 ? 364 LEU A H    1 
ATOM   551 H  HA   . LEU A 1 35 ? -2.019  6.404   1.173   1.00 0.00 ? 364 LEU A HA   1 
ATOM   552 H  HB2  . LEU A 1 35 ? -4.345  5.370   1.019   1.00 0.00 ? 364 LEU A HB2  1 
ATOM   553 H  HB3  . LEU A 1 35 ? -3.554  3.922   0.430   1.00 0.00 ? 364 LEU A HB3  1 
ATOM   554 H  HG   . LEU A 1 35 ? -2.388  3.621   2.508   1.00 0.00 ? 364 LEU A HG   1 
ATOM   555 H  HD11 . LEU A 1 35 ? -3.562  6.286   3.278   1.00 0.00 ? 364 LEU A HD11 1 
ATOM   556 H  HD12 . LEU A 1 35 ? -1.856  5.877   3.094   1.00 0.00 ? 364 LEU A HD12 1 
ATOM   557 H  HD13 . LEU A 1 35 ? -2.794  5.175   4.412   1.00 0.00 ? 364 LEU A HD13 1 
ATOM   558 H  HD21 . LEU A 1 35 ? -5.272  4.326   3.037   1.00 0.00 ? 364 LEU A HD21 1 
ATOM   559 H  HD22 . LEU A 1 35 ? -4.257  3.278   4.027   1.00 0.00 ? 364 LEU A HD22 1 
ATOM   560 H  HD23 . LEU A 1 35 ? -4.689  2.794   2.386   1.00 0.00 ? 364 LEU A HD23 1 
ATOM   561 N  N    . LYS A 1 36 ? -0.406  4.322   1.193   1.00 0.00 ? 365 LYS A N    1 
ATOM   562 C  CA   . LYS A 1 36 ? 0.758   3.464   1.021   1.00 0.00 ? 365 LYS A CA   1 
ATOM   563 C  C    . LYS A 1 36 ? 0.665   2.249   1.938   1.00 0.00 ? 365 LYS A C    1 
ATOM   564 O  O    . LYS A 1 36 ? 0.357   2.375   3.123   1.00 0.00 ? 365 LYS A O    1 
ATOM   565 C  CB   . LYS A 1 36 ? 2.047   4.238   1.297   1.00 0.00 ? 365 LYS A CB   1 
ATOM   566 C  CG   . LYS A 1 36 ? 2.238   4.610   2.757   1.00 0.00 ? 365 LYS A CG   1 
ATOM   567 C  CD   . LYS A 1 36 ? 3.213   5.765   2.917   1.00 0.00 ? 365 LYS A CD   1 
ATOM   568 C  CE   . LYS A 1 36 ? 2.673   7.040   2.291   1.00 0.00 ? 365 LYS A CE   1 
ATOM   569 N  NZ   . LYS A 1 36 ? 3.339   8.254   2.840   1.00 0.00 ? 365 LYS A NZ   1 
ATOM   570 H  H    . LYS A 1 36 ? -0.688  4.565   2.101   1.00 0.00 ? 365 LYS A H    1 
ATOM   571 H  HA   . LYS A 1 36 ? 0.766   3.125   -0.004  1.00 0.00 ? 365 LYS A HA   1 
ATOM   572 H  HB2  . LYS A 1 36 ? 2.889   3.633   0.990   1.00 0.00 ? 365 LYS A HB2  1 
ATOM   573 H  HB3  . LYS A 1 36 ? 2.038   5.145   0.715   1.00 0.00 ? 365 LYS A HB3  1 
ATOM   574 H  HG2  . LYS A 1 36 ? 1.285   4.896   3.175   1.00 0.00 ? 365 LYS A HG2  1 
ATOM   575 H  HG3  . LYS A 1 36 ? 2.621   3.750   3.286   1.00 0.00 ? 365 LYS A HG3  1 
ATOM   576 H  HD2  . LYS A 1 36 ? 3.385   5.936   3.968   1.00 0.00 ? 365 LYS A HD2  1 
ATOM   577 H  HD3  . LYS A 1 36 ? 4.145   5.505   2.436   1.00 0.00 ? 365 LYS A HD3  1 
ATOM   578 H  HE2  . LYS A 1 36 ? 2.838   7.001   1.225   1.00 0.00 ? 365 LYS A HE2  1 
ATOM   579 H  HE3  . LYS A 1 36 ? 1.613   7.102   2.489   1.00 0.00 ? 365 LYS A HE3  1 
ATOM   580 H  HZ1  . LYS A 1 36 ? 2.770   8.656   3.612   1.00 0.00 ? 365 LYS A HZ1  1 
ATOM   581 H  HZ2  . LYS A 1 36 ? 3.447   8.971   2.095   1.00 0.00 ? 365 LYS A HZ2  1 
ATOM   582 H  HZ3  . LYS A 1 36 ? 4.280   8.008   3.209   1.00 0.00 ? 365 LYS A HZ3  1 
ATOM   583 N  N    . CYS A 1 37 ? 0.916   1.074   1.377   1.00 0.00 ? 366 CYS A N    1 
ATOM   584 C  CA   . CYS A 1 37 ? 0.850   -0.175  2.136   1.00 0.00 ? 366 CYS A CA   1 
ATOM   585 C  C    . CYS A 1 37 ? 1.739   -1.242  1.504   1.00 0.00 ? 366 CYS A C    1 
ATOM   586 O  O    . CYS A 1 37 ? 2.121   -1.137  0.342   1.00 0.00 ? 366 CYS A O    1 
ATOM   587 C  CB   . CYS A 1 37 ? -0.590  -0.703  2.227   1.00 0.00 ? 366 CYS A CB   1 
ATOM   588 S  SG   . CYS A 1 37 ? -1.880  0.566   2.180   1.00 0.00 ? 366 CYS A SG   1 
ATOM   589 H  H    . CYS A 1 37 ? 1.146   1.044   0.427   1.00 0.00 ? 366 CYS A H    1 
ATOM   590 H  HA   . CYS A 1 37 ? 1.211   0.028   3.134   1.00 0.00 ? 366 CYS A HA   1 
ATOM   591 H  HB2  . CYS A 1 37 ? -0.768  -1.376  1.403   1.00 0.00 ? 366 CYS A HB2  1 
ATOM   592 H  HB3  . CYS A 1 37 ? -0.701  -1.248  3.153   1.00 0.00 ? 366 CYS A HB3  1 
ATOM   593 H  HG   . CYS A 1 37 ? -2.628  0.210   1.693   1.00 0.00 ? 366 CYS A HG   1 
ATOM   594 N  N    . HIS A 1 38 ? 2.060   -2.273  2.283   1.00 0.00 ? 367 HIS A N    1 
ATOM   595 C  CA   . HIS A 1 38 ? 2.896   -3.380  1.814   1.00 0.00 ? 367 HIS A CA   1 
ATOM   596 C  C    . HIS A 1 38 ? 2.467   -3.846  0.425   1.00 0.00 ? 367 HIS A C    1 
ATOM   597 O  O    . HIS A 1 38 ? 1.449   -3.399  -0.101  1.00 0.00 ? 367 HIS A O    1 
ATOM   598 C  CB   . HIS A 1 38 ? 2.787   -4.554  2.790   1.00 0.00 ? 367 HIS A CB   1 
ATOM   599 C  CG   . HIS A 1 38 ? 4.085   -4.955  3.413   1.00 0.00 ? 367 HIS A CG   1 
ATOM   600 N  ND1  . HIS A 1 38 ? 4.301   -4.794  4.756   1.00 0.00 ? 367 HIS A ND1  1 
ATOM   601 C  CD2  . HIS A 1 38 ? 5.181   -5.514  2.848   1.00 0.00 ? 367 HIS A CD2  1 
ATOM   602 C  CE1  . HIS A 1 38 ? 5.518   -5.256  4.985   1.00 0.00 ? 367 HIS A CE1  1 
ATOM   603 N  NE2  . HIS A 1 38 ? 6.091   -5.704  3.857   1.00 0.00 ? 367 HIS A NE2  1 
ATOM   604 H  H    . HIS A 1 38 ? 1.716   -2.295  3.200   1.00 0.00 ? 367 HIS A H    1 
ATOM   605 H  HA   . HIS A 1 38 ? 3.920   -3.041  1.777   1.00 0.00 ? 367 HIS A HA   1 
ATOM   606 H  HB2  . HIS A 1 38 ? 2.112   -4.282  3.587   1.00 0.00 ? 367 HIS A HB2  1 
ATOM   607 H  HB3  . HIS A 1 38 ? 2.388   -5.413  2.268   1.00 0.00 ? 367 HIS A HB3  1 
ATOM   608 H  HD2  . HIS A 1 38 ? 5.312   -5.772  1.808   1.00 0.00 ? 367 HIS A HD2  1 
ATOM   609 H  HE1  . HIS A 1 38 ? 5.992   -5.270  5.955   1.00 0.00 ? 367 HIS A HE1  1 
ATOM   610 H  HE2  . HIS A 1 38 ? 6.905   -6.246  3.800   1.00 0.00 ? 367 HIS A HE2  1 
ATOM   611 N  N    . ASN A 1 39 ? 3.229   -4.772  -0.156  1.00 0.00 ? 368 ASN A N    1 
ATOM   612 C  CA   . ASN A 1 39 ? 2.896   -5.311  -1.472  1.00 0.00 ? 368 ASN A CA   1 
ATOM   613 C  C    . ASN A 1 39 ? 1.415   -5.680  -1.524  1.00 0.00 ? 368 ASN A C    1 
ATOM   614 O  O    . ASN A 1 39 ? 0.781   -5.626  -2.577  1.00 0.00 ? 368 ASN A O    1 
ATOM   615 C  CB   . ASN A 1 39 ? 3.755   -6.539  -1.781  1.00 0.00 ? 368 ASN A CB   1 
ATOM   616 C  CG   . ASN A 1 39 ? 4.155   -6.611  -3.241  1.00 0.00 ? 368 ASN A CG   1 
ATOM   617 O  OD1  . ASN A 1 39 ? 4.087   -5.618  -3.966  1.00 0.00 ? 368 ASN A OD1  1 
ATOM   618 N  ND2  . ASN A 1 39 ? 4.577   -7.791  -3.681  1.00 0.00 ? 368 ASN A ND2  1 
ATOM   619 H  H    . ASN A 1 39 ? 4.016   -5.111  0.317   1.00 0.00 ? 368 ASN A H    1 
ATOM   620 H  HA   . ASN A 1 39 ? 3.092   -4.544  -2.207  1.00 0.00 ? 368 ASN A HA   1 
ATOM   621 H  HB2  . ASN A 1 39 ? 4.654   -6.501  -1.182  1.00 0.00 ? 368 ASN A HB2  1 
ATOM   622 H  HB3  . ASN A 1 39 ? 3.200   -7.431  -1.533  1.00 0.00 ? 368 ASN A HB3  1 
ATOM   623 H  HD21 . ASN A 1 39 ? 4.605   -8.539  -3.048  1.00 0.00 ? 368 ASN A HD21 1 
ATOM   624 H  HD22 . ASN A 1 39 ? 4.841   -7.868  -4.621  1.00 0.00 ? 368 ASN A HD22 1 
ATOM   625 N  N    . LYS A 1 40 ? 0.876   -6.040  -0.362  1.00 0.00 ? 369 LYS A N    1 
ATOM   626 C  CA   . LYS A 1 40 ? -0.526  -6.401  -0.234  1.00 0.00 ? 369 LYS A CA   1 
ATOM   627 C  C    . LYS A 1 40 ? -1.018  -6.090  1.177   1.00 0.00 ? 369 LYS A C    1 
ATOM   628 O  O    . LYS A 1 40 ? -1.750  -5.123  1.390   1.00 0.00 ? 369 LYS A O    1 
ATOM   629 C  CB   . LYS A 1 40 ? -0.729  -7.884  -0.553  1.00 0.00 ? 369 LYS A CB   1 
ATOM   630 C  CG   . LYS A 1 40 ? -1.237  -8.139  -1.964  1.00 0.00 ? 369 LYS A CG   1 
ATOM   631 C  CD   . LYS A 1 40 ? -2.481  -7.318  -2.264  1.00 0.00 ? 369 LYS A CD   1 
ATOM   632 C  CE   . LYS A 1 40 ? -3.539  -8.147  -2.975  1.00 0.00 ? 369 LYS A CE   1 
ATOM   633 N  NZ   . LYS A 1 40 ? -3.858  -9.397  -2.231  1.00 0.00 ? 369 LYS A NZ   1 
ATOM   634 H  H    . LYS A 1 40 ? 1.439   -6.049  0.440   1.00 0.00 ? 369 LYS A H    1 
ATOM   635 H  HA   . LYS A 1 40 ? -1.087  -5.806  -0.938  1.00 0.00 ? 369 LYS A HA   1 
ATOM   636 H  HB2  . LYS A 1 40 ? 0.214   -8.398  -0.435  1.00 0.00 ? 369 LYS A HB2  1 
ATOM   637 H  HB3  . LYS A 1 40 ? -1.444  -8.297  0.143   1.00 0.00 ? 369 LYS A HB3  1 
ATOM   638 H  HG2  . LYS A 1 40 ? -0.463  -7.872  -2.668  1.00 0.00 ? 369 LYS A HG2  1 
ATOM   639 H  HG3  . LYS A 1 40 ? -1.473  -9.188  -2.067  1.00 0.00 ? 369 LYS A HG3  1 
ATOM   640 H  HD2  . LYS A 1 40 ? -2.890  -6.951  -1.335  1.00 0.00 ? 369 LYS A HD2  1 
ATOM   641 H  HD3  . LYS A 1 40 ? -2.206  -6.483  -2.894  1.00 0.00 ? 369 LYS A HD3  1 
ATOM   642 H  HE2  . LYS A 1 40 ? -4.438  -7.556  -3.070  1.00 0.00 ? 369 LYS A HE2  1 
ATOM   643 H  HE3  . LYS A 1 40 ? -3.175  -8.407  -3.958  1.00 0.00 ? 369 LYS A HE3  1 
ATOM   644 H  HZ1  . LYS A 1 40 ? -3.230  -10.167 -2.539  1.00 0.00 ? 369 LYS A HZ1  1 
ATOM   645 H  HZ2  . LYS A 1 40 ? -4.844  -9.678  -2.409  1.00 0.00 ? 369 LYS A HZ2  1 
ATOM   646 H  HZ3  . LYS A 1 40 ? -3.731  -9.247  -1.209  1.00 0.00 ? 369 LYS A HZ3  1 
ATOM   647 N  N    . CYS A 1 41 ? -0.596  -6.912  2.137   1.00 0.00 ? 370 CYS A N    1 
ATOM   648 C  CA   . CYS A 1 41 ? -0.972  -6.735  3.543   1.00 0.00 ? 370 CYS A CA   1 
ATOM   649 C  C    . CYS A 1 41 ? -2.437  -6.324  3.688   1.00 0.00 ? 370 CYS A C    1 
ATOM   650 O  O    . CYS A 1 41 ? -2.801  -5.603  4.616   1.00 0.00 ? 370 CYS A O    1 
ATOM   651 C  CB   . CYS A 1 41 ? -0.070  -5.689  4.204   1.00 0.00 ? 370 CYS A CB   1 
ATOM   652 S  SG   . CYS A 1 41 ? 1.397   -6.386  5.038   1.00 0.00 ? 370 CYS A SG   1 
ATOM   653 H  H    . CYS A 1 41 ? -0.006  -7.654  1.895   1.00 0.00 ? 370 CYS A H    1 
ATOM   654 H  HA   . CYS A 1 41 ? -0.829  -7.681  4.043   1.00 0.00 ? 370 CYS A HA   1 
ATOM   655 H  HB2  . CYS A 1 41 ? 0.278   -5.002  3.448   1.00 0.00 ? 370 CYS A HB2  1 
ATOM   656 H  HB3  . CYS A 1 41 ? -0.641  -5.144  4.942   1.00 0.00 ? 370 CYS A HB3  1 
ATOM   657 N  N    . THR A 1 42 ? -3.268  -6.785  2.761   1.00 0.00 ? 371 THR A N    1 
ATOM   658 C  CA   . THR A 1 42 ? -4.691  -6.466  2.781   1.00 0.00 ? 371 THR A CA   1 
ATOM   659 C  C    . THR A 1 42 ? -5.339  -6.932  4.080   1.00 0.00 ? 371 THR A C    1 
ATOM   660 O  O    . THR A 1 42 ? -6.281  -6.310  4.574   1.00 0.00 ? 371 THR A O    1 
ATOM   661 C  CB   . THR A 1 42 ? -5.396  -7.110  1.587   1.00 0.00 ? 371 THR A CB   1 
ATOM   662 O  OG1  . THR A 1 42 ? -4.859  -8.394  1.320   1.00 0.00 ? 371 THR A OG1  1 
ATOM   663 C  CG2  . THR A 1 42 ? -5.288  -6.295  0.316   1.00 0.00 ? 371 THR A CG2  1 
ATOM   664 H  H    . THR A 1 42 ? -2.916  -7.354  2.046   1.00 0.00 ? 371 THR A H    1 
ATOM   665 H  HA   . THR A 1 42 ? -4.791  -5.393  2.708   1.00 0.00 ? 371 THR A HA   1 
ATOM   666 H  HB   . THR A 1 42 ? -6.445  -7.223  1.818   1.00 0.00 ? 371 THR A HB   1 
ATOM   667 H  HG1  . THR A 1 42 ? -5.336  -8.797  0.590   1.00 0.00 ? 371 THR A HG1  1 
ATOM   668 H  HG21 . THR A 1 42 ? -4.487  -5.578  0.416   1.00 0.00 ? 371 THR A HG21 1 
ATOM   669 H  HG22 . THR A 1 42 ? -6.218  -5.775  0.141   1.00 0.00 ? 371 THR A HG22 1 
ATOM   670 H  HG23 . THR A 1 42 ? -5.081  -6.951  -0.516  1.00 0.00 ? 371 THR A HG23 1 
ATOM   671 N  N    . LYS A 1 43 ? -4.832  -8.030  4.628   1.00 0.00 ? 372 LYS A N    1 
ATOM   672 C  CA   . LYS A 1 43 ? -5.362  -8.581  5.869   1.00 0.00 ? 372 LYS A CA   1 
ATOM   673 C  C    . LYS A 1 43 ? -5.156  -7.613  7.031   1.00 0.00 ? 372 LYS A C    1 
ATOM   674 O  O    . LYS A 1 43 ? -5.909  -7.629  8.005   1.00 0.00 ? 372 LYS A O    1 
ATOM   675 C  CB   . LYS A 1 43 ? -4.692  -9.920  6.184   1.00 0.00 ? 372 LYS A CB   1 
ATOM   676 C  CG   . LYS A 1 43 ? -5.482  -10.782 7.156   1.00 0.00 ? 372 LYS A CG   1 
ATOM   677 C  CD   . LYS A 1 43 ? -6.346  -11.796 6.427   1.00 0.00 ? 372 LYS A CD   1 
ATOM   678 C  CE   . LYS A 1 43 ? -7.389  -11.116 5.556   1.00 0.00 ? 372 LYS A CE   1 
ATOM   679 N  NZ   . LYS A 1 43 ? -8.222  -12.102 4.814   1.00 0.00 ? 372 LYS A NZ   1 
ATOM   680 H  H    . LYS A 1 43 ? -4.082  -8.482  4.186   1.00 0.00 ? 372 LYS A H    1 
ATOM   681 H  HA   . LYS A 1 43 ? -6.421  -8.742  5.734   1.00 0.00 ? 372 LYS A HA   1 
ATOM   682 H  HB2  . LYS A 1 43 ? -4.571  -10.474 5.265   1.00 0.00 ? 372 LYS A HB2  1 
ATOM   683 H  HB3  . LYS A 1 43 ? -3.719  -9.732  6.612   1.00 0.00 ? 372 LYS A HB3  1 
ATOM   684 H  HG2  . LYS A 1 43 ? -4.791  -11.307 7.798   1.00 0.00 ? 372 LYS A HG2  1 
ATOM   685 H  HG3  . LYS A 1 43 ? -6.117  -10.143 7.753   1.00 0.00 ? 372 LYS A HG3  1 
ATOM   686 H  HD2  . LYS A 1 43 ? -5.714  -12.410 5.801   1.00 0.00 ? 372 LYS A HD2  1 
ATOM   687 H  HD3  . LYS A 1 43 ? -6.847  -12.417 7.154   1.00 0.00 ? 372 LYS A HD3  1 
ATOM   688 H  HE2  . LYS A 1 43 ? -8.031  -10.518 6.185   1.00 0.00 ? 372 LYS A HE2  1 
ATOM   689 H  HE3  . LYS A 1 43 ? -6.885  -10.476 4.846   1.00 0.00 ? 372 LYS A HE3  1 
ATOM   690 H  HZ1  . LYS A 1 43 ? -7.622  -12.859 4.428   1.00 0.00 ? 372 LYS A HZ1  1 
ATOM   691 H  HZ2  . LYS A 1 43 ? -8.717  -11.634 4.028   1.00 0.00 ? 372 LYS A HZ2  1 
ATOM   692 H  HZ3  . LYS A 1 43 ? -8.929  -12.523 5.450   1.00 0.00 ? 372 LYS A HZ3  1 
ATOM   693 N  N    . GLU A 1 44 ? -4.132  -6.771  6.924   1.00 0.00 ? 373 GLU A N    1 
ATOM   694 C  CA   . GLU A 1 44 ? -3.830  -5.800  7.969   1.00 0.00 ? 373 GLU A CA   1 
ATOM   695 C  C    . GLU A 1 44 ? -4.353  -4.415  7.600   1.00 0.00 ? 373 GLU A C    1 
ATOM   696 O  O    . GLU A 1 44 ? -5.111  -3.806  8.355   1.00 0.00 ? 373 GLU A O    1 
ATOM   697 C  CB   . GLU A 1 44 ? -2.322  -5.740  8.217   1.00 0.00 ? 373 GLU A CB   1 
ATOM   698 C  CG   . GLU A 1 44 ? -1.729  -7.057  8.690   1.00 0.00 ? 373 GLU A CG   1 
ATOM   699 C  CD   . GLU A 1 44 ? -1.562  -7.113  10.196  1.00 0.00 ? 373 GLU A CD   1 
ATOM   700 O  OE1  . GLU A 1 44 ? -2.538  -6.811  10.914  1.00 0.00 ? 373 GLU A OE1  1 
ATOM   701 O  OE2  . GLU A 1 44 ? -0.454  -7.459  10.658  1.00 0.00 ? 373 GLU A OE2  1 
ATOM   702 H  H    . GLU A 1 44 ? -3.564  -6.806  6.125   1.00 0.00 ? 373 GLU A H    1 
ATOM   703 H  HA   . GLU A 1 44 ? -4.320  -6.126  8.875   1.00 0.00 ? 373 GLU A HA   1 
ATOM   704 H  HB2  . GLU A 1 44 ? -1.829  -5.458  7.299   1.00 0.00 ? 373 GLU A HB2  1 
ATOM   705 H  HB3  . GLU A 1 44 ? -2.122  -4.990  8.968   1.00 0.00 ? 373 GLU A HB3  1 
ATOM   706 H  HG2  . GLU A 1 44 ? -2.384  -7.861  8.387   1.00 0.00 ? 373 GLU A HG2  1 
ATOM   707 H  HG3  . GLU A 1 44 ? -0.762  -7.188  8.229   1.00 0.00 ? 373 GLU A HG3  1 
ATOM   708 N  N    . ALA A 1 45 ? -3.941  -3.922  6.436   1.00 0.00 ? 374 ALA A N    1 
ATOM   709 C  CA   . ALA A 1 45 ? -4.367  -2.606  5.970   1.00 0.00 ? 374 ALA A CA   1 
ATOM   710 C  C    . ALA A 1 45 ? -5.888  -2.520  5.876   1.00 0.00 ? 374 ALA A C    1 
ATOM   711 O  O    . ALA A 1 45 ? -6.558  -3.511  5.585   1.00 0.00 ? 374 ALA A O    1 
ATOM   712 C  CB   . ALA A 1 45 ? -3.734  -2.292  4.623   1.00 0.00 ? 374 ALA A CB   1 
ATOM   713 H  H    . ALA A 1 45 ? -3.335  -4.453  5.878   1.00 0.00 ? 374 ALA A H    1 
ATOM   714 H  HA   . ALA A 1 45 ? -4.018  -1.873  6.684   1.00 0.00 ? 374 ALA A HA   1 
ATOM   715 H  HB1  . ALA A 1 45 ? -4.378  -2.647  3.832   1.00 0.00 ? 374 ALA A HB1  1 
ATOM   716 H  HB2  . ALA A 1 45 ? -2.774  -2.781  4.553   1.00 0.00 ? 374 ALA A HB2  1 
ATOM   717 H  HB3  . ALA A 1 45 ? -3.601  -1.224  4.527   1.00 0.00 ? 374 ALA A HB3  1 
ATOM   718 N  N    . PRO A 1 46 ? -6.456  -1.326  6.125   1.00 0.00 ? 375 PRO A N    1 
ATOM   719 C  CA   . PRO A 1 46 ? -7.905  -1.116  6.068   1.00 0.00 ? 375 PRO A CA   1 
ATOM   720 C  C    . PRO A 1 46 ? -8.425  -1.039  4.636   1.00 0.00 ? 375 PRO A C    1 
ATOM   721 O  O    . PRO A 1 46 ? -7.707  -1.358  3.687   1.00 0.00 ? 375 PRO A O    1 
ATOM   722 C  CB   . PRO A 1 46 ? -8.088  0.226   6.774   1.00 0.00 ? 375 PRO A CB   1 
ATOM   723 C  CG   . PRO A 1 46 ? -6.814  0.957   6.527   1.00 0.00 ? 375 PRO A CG   1 
ATOM   724 C  CD   . PRO A 1 46 ? -5.732  -0.090  6.481   1.00 0.00 ? 375 PRO A CD   1 
ATOM   725 H  HA   . PRO A 1 46 ? -8.440  -1.886  6.603   1.00 0.00 ? 375 PRO A HA   1 
ATOM   726 H  HB2  . PRO A 1 46 ? -8.934  0.747   6.350   1.00 0.00 ? 375 PRO A HB2  1 
ATOM   727 H  HB3  . PRO A 1 46 ? -8.249  0.062   7.830   1.00 0.00 ? 375 PRO A HB3  1 
ATOM   728 H  HG2  . PRO A 1 46 ? -6.870  1.479   5.583   1.00 0.00 ? 375 PRO A HG2  1 
ATOM   729 H  HG3  . PRO A 1 46 ? -6.627  1.652   7.332   1.00 0.00 ? 375 PRO A HG3  1 
ATOM   730 H  HD2  . PRO A 1 46 ? -5.000  0.158   5.725   1.00 0.00 ? 375 PRO A HD2  1 
ATOM   731 H  HD3  . PRO A 1 46 ? -5.260  -0.186  7.447   1.00 0.00 ? 375 PRO A HD3  1 
ATOM   732 N  N    . ALA A 1 47 ? -9.675  -0.615  4.488   1.00 0.00 ? 376 ALA A N    1 
ATOM   733 C  CA   . ALA A 1 47 ? -10.290 -0.494  3.172   1.00 0.00 ? 376 ALA A CA   1 
ATOM   734 C  C    . ALA A 1 47 ? -10.069 0.896   2.589   1.00 0.00 ? 376 ALA A C    1 
ATOM   735 O  O    . ALA A 1 47 ? -10.234 1.903   3.279   1.00 0.00 ? 376 ALA A O    1 
ATOM   736 C  CB   . ALA A 1 47 ? -11.778 -0.804  3.255   1.00 0.00 ? 376 ALA A CB   1 
ATOM   737 H  H    . ALA A 1 47 ? -10.196 -0.375  5.282   1.00 0.00 ? 376 ALA A H    1 
ATOM   738 H  HA   . ALA A 1 47 ? -9.830  -1.224  2.522   1.00 0.00 ? 376 ALA A HA   1 
ATOM   739 H  HB1  . ALA A 1 47 ? -12.160 -0.477  4.211   1.00 0.00 ? 376 ALA A HB1  1 
ATOM   740 H  HB2  . ALA A 1 47 ? -11.931 -1.868  3.150   1.00 0.00 ? 376 ALA A HB2  1 
ATOM   741 H  HB3  . ALA A 1 47 ? -12.297 -0.285  2.463   1.00 0.00 ? 376 ALA A HB3  1 
ATOM   742 N  N    . CYS A 1 48 ? -9.694  0.947   1.315   1.00 0.00 ? 377 CYS A N    1 
ATOM   743 C  CA   . CYS A 1 48 ? -9.450  2.215   0.640   1.00 0.00 ? 377 CYS A CA   1 
ATOM   744 C  C    . CYS A 1 48 ? -10.705 3.082   0.638   1.00 0.00 ? 377 CYS A C    1 
ATOM   745 O  O    . CYS A 1 48 ? -11.636 2.843   -0.130  1.00 0.00 ? 377 CYS A O    1 
ATOM   746 C  CB   . CYS A 1 48 ? -8.979  1.969   -0.797  1.00 0.00 ? 377 CYS A CB   1 
ATOM   747 S  SG   . CYS A 1 48 ? -7.405  2.788   -1.212  1.00 0.00 ? 377 CYS A SG   1 
ATOM   748 H  H    . CYS A 1 48 ? -9.578  0.110   0.817   1.00 0.00 ? 377 CYS A H    1 
ATOM   749 H  HA   . CYS A 1 48 ? -8.670  2.733   1.180   1.00 0.00 ? 377 CYS A HA   1 
ATOM   750 H  HB2  . CYS A 1 48 ? -8.845  0.908   -0.945  1.00 0.00 ? 377 CYS A HB2  1 
ATOM   751 H  HB3  . CYS A 1 48 ? -9.730  2.331   -1.483  1.00 0.00 ? 377 CYS A HB3  1 
ATOM   752 N  N    . ARG A 1 49 ? -10.723 4.090   1.506   1.00 0.00 ? 378 ARG A N    1 
ATOM   753 C  CA   . ARG A 1 49 ? -11.864 4.992   1.605   1.00 0.00 ? 378 ARG A CA   1 
ATOM   754 C  C    . ARG A 1 49 ? -12.059 5.769   0.307   1.00 0.00 ? 378 ARG A C    1 
ATOM   755 O  O    . ARG A 1 49 ? -11.653 5.254   -0.756  1.00 0.00 ? 378 ARG A O    1 
ATOM   756 C  CB   . ARG A 1 49 ? -11.670 5.965   2.770   1.00 0.00 ? 378 ARG A CB   1 
ATOM   757 C  CG   . ARG A 1 49 ? -12.967 6.575   3.276   1.00 0.00 ? 378 ARG A CG   1 
ATOM   758 C  CD   . ARG A 1 49 ? -12.705 7.698   4.267   1.00 0.00 ? 378 ARG A CD   1 
ATOM   759 N  NE   . ARG A 1 49 ? -12.378 8.954   3.596   1.00 0.00 ? 378 ARG A NE   1 
ATOM   760 C  CZ   . ARG A 1 49 ? -11.770 9.977   4.193   1.00 0.00 ? 378 ARG A CZ   1 
ATOM   761 N  NH1  . ARG A 1 49 ? -11.424 9.897   5.472   1.00 0.00 ? 378 ARG A NH1  1 
ATOM   762 N  NH2  . ARG A 1 49 ? -11.510 11.083  3.510   1.00 0.00 ? 378 ARG A NH2  1 
ATOM   763 O  OXT  . ARG A 1 49 ? -12.617 6.885   0.364   1.00 0.00 ? 378 ARG A OXT  1 
ATOM   764 H  H    . ARG A 1 49 ? -9.950  4.229   2.092   1.00 0.00 ? 378 ARG A H    1 
ATOM   765 H  HA   . ARG A 1 49 ? -12.744 4.395   1.790   1.00 0.00 ? 378 ARG A HA   1 
ATOM   766 H  HB2  . ARG A 1 49 ? -11.202 5.439   3.589   1.00 0.00 ? 378 ARG A HB2  1 
ATOM   767 H  HB3  . ARG A 1 49 ? -11.021 6.766   2.451   1.00 0.00 ? 378 ARG A HB3  1 
ATOM   768 H  HG2  . ARG A 1 49 ? -13.518 6.970   2.436   1.00 0.00 ? 378 ARG A HG2  1 
ATOM   769 H  HG3  . ARG A 1 49 ? -13.549 5.806   3.762   1.00 0.00 ? 378 ARG A HG3  1 
ATOM   770 H  HD2  . ARG A 1 49 ? -13.590 7.843   4.869   1.00 0.00 ? 378 ARG A HD2  1 
ATOM   771 H  HD3  . ARG A 1 49 ? -11.879 7.414   4.903   1.00 0.00 ? 378 ARG A HD3  1 
ATOM   772 H  HE   . ARG A 1 49 ? -12.622 9.040   2.651   1.00 0.00 ? 378 ARG A HE   1 
ATOM   773 H  HH11 . ARG A 1 49 ? -11.617 9.067   5.993   1.00 0.00 ? 378 ARG A HH11 1 
ATOM   774 H  HH12 . ARG A 1 49 ? -10.969 10.670  5.915   1.00 0.00 ? 378 ARG A HH12 1 
ATOM   775 H  HH21 . ARG A 1 49 ? -11.769 11.148  2.546   1.00 0.00 ? 378 ARG A HH21 1 
ATOM   776 H  HH22 . ARG A 1 49 ? -11.054 11.853  3.959   1.00 0.00 ? 378 ARG A HH22 1 
HETATM 777 ZN ZN   . ZN  B 2 .  ? -7.778  4.183   -3.002  1.00 0.00 ? 1   ZN  A ZN   1 
HETATM 778 ZN ZN   . ZN  C 2 .  ? 2.749   -4.744  6.014   1.00 0.00 ? 2   ZN  A ZN   1 
# 
